data_1WN3
#
_entry.id   1WN3
#
_cell.length_a   87.055
_cell.length_b   82.454
_cell.length_c   59.428
_cell.angle_alpha   90.00
_cell.angle_beta   92.49
_cell.angle_gamma   90.00
#
_symmetry.space_group_name_H-M   'P 1 21 1'
#
loop_
_entity.id
_entity.type
_entity.pdbx_description
1 polymer 'phenylacetic acid degradation protein PaaI'
2 non-polymer 'CHLORIDE ION'
3 non-polymer 'HEXANOYL-COENZYME A'
4 non-polymer 'ACETATE ION'
5 water water
#
_entity_poly.entity_id   1
_entity_poly.type   'polypeptide(L)'
_entity_poly.pdbx_seq_one_letter_code
;MRDPFMEALGLKVLHLAPGEAVVAGEVRADHLNLHGTAHGGFLYALADSAFALASNTRGPAVALSCRMDYFRPLGAGARV
EARAVEVNLSRRTATYRVEVVSEGKLVALFTGTVFRLGGDGDDVPAGTGNLAPREA
;
_entity_poly.pdbx_strand_id   A,B,C,D,E,F,G,H
#
# COMPACT_ATOMS: atom_id res chain seq x y z
N ARG A 2 -9.80 -11.20 -6.32
CA ARG A 2 -11.30 -11.22 -6.37
C ARG A 2 -11.88 -9.84 -6.10
N ASP A 3 -12.87 -9.46 -6.91
CA ASP A 3 -13.53 -8.17 -6.76
C ASP A 3 -15.02 -8.42 -6.54
N PRO A 4 -15.48 -8.28 -5.29
CA PRO A 4 -16.89 -8.50 -4.94
C PRO A 4 -17.92 -7.77 -5.82
N PHE A 5 -17.70 -6.47 -6.07
CA PHE A 5 -18.65 -5.72 -6.88
C PHE A 5 -18.72 -6.25 -8.32
N MET A 6 -17.57 -6.53 -8.90
CA MET A 6 -17.55 -7.06 -10.27
C MET A 6 -18.35 -8.34 -10.36
N GLU A 7 -18.18 -9.22 -9.37
CA GLU A 7 -18.89 -10.50 -9.36
C GLU A 7 -20.38 -10.31 -9.08
N ALA A 8 -20.72 -9.31 -8.28
CA ALA A 8 -22.11 -9.02 -7.97
C ALA A 8 -22.80 -8.57 -9.24
N LEU A 9 -22.05 -7.90 -10.11
CA LEU A 9 -22.60 -7.40 -11.36
C LEU A 9 -22.47 -8.43 -12.49
N GLY A 10 -21.87 -9.57 -12.17
CA GLY A 10 -21.69 -10.61 -13.17
C GLY A 10 -20.59 -10.32 -14.17
N LEU A 11 -19.69 -9.41 -13.82
CA LEU A 11 -18.59 -9.05 -14.72
C LEU A 11 -17.46 -10.06 -14.58
N LYS A 12 -16.83 -10.41 -15.69
CA LYS A 12 -15.75 -11.38 -15.66
C LYS A 12 -14.47 -10.85 -16.31
N VAL A 13 -13.34 -11.10 -15.67
CA VAL A 13 -12.06 -10.69 -16.21
C VAL A 13 -11.71 -11.72 -17.27
N LEU A 14 -11.49 -11.26 -18.50
CA LEU A 14 -11.14 -12.18 -19.58
C LEU A 14 -9.64 -12.26 -19.80
N HIS A 15 -8.98 -11.12 -19.75
CA HIS A 15 -7.54 -11.07 -20.00
C HIS A 15 -6.88 -9.98 -19.18
N LEU A 16 -5.64 -10.24 -18.79
CA LEU A 16 -4.87 -9.29 -18.01
C LEU A 16 -3.44 -9.27 -18.53
N ALA A 17 -2.82 -8.10 -18.52
CA ALA A 17 -1.45 -7.95 -18.99
C ALA A 17 -0.92 -6.60 -18.54
N PRO A 18 0.41 -6.39 -18.60
CA PRO A 18 0.97 -5.11 -18.17
C PRO A 18 0.24 -3.90 -18.77
N GLY A 19 -0.39 -3.11 -17.90
CA GLY A 19 -1.10 -1.92 -18.35
C GLY A 19 -2.34 -2.17 -19.19
N GLU A 20 -2.94 -3.35 -19.08
CA GLU A 20 -4.13 -3.64 -19.87
C GLU A 20 -5.00 -4.73 -19.29
N ALA A 21 -6.29 -4.69 -19.62
CA ALA A 21 -7.25 -5.67 -19.14
C ALA A 21 -8.53 -5.63 -19.97
N VAL A 22 -9.19 -6.79 -20.06
CA VAL A 22 -10.45 -6.90 -20.79
C VAL A 22 -11.46 -7.54 -19.86
N VAL A 23 -12.56 -6.85 -19.62
CA VAL A 23 -13.61 -7.34 -18.74
C VAL A 23 -14.89 -7.49 -19.58
N ALA A 24 -15.63 -8.56 -19.33
CA ALA A 24 -16.85 -8.81 -20.07
C ALA A 24 -18.04 -9.02 -19.15
N GLY A 25 -19.23 -8.73 -19.66
CA GLY A 25 -20.44 -8.89 -18.89
C GLY A 25 -21.66 -8.86 -19.79
N GLU A 26 -22.84 -8.95 -19.19
CA GLU A 26 -24.09 -8.92 -19.93
C GLU A 26 -25.08 -8.08 -19.13
N VAL A 27 -25.82 -7.22 -19.83
CA VAL A 27 -26.81 -6.37 -19.18
C VAL A 27 -27.96 -7.25 -18.73
N ARG A 28 -28.21 -7.30 -17.43
CA ARG A 28 -29.28 -8.11 -16.89
C ARG A 28 -30.45 -7.23 -16.47
N ALA A 29 -31.54 -7.87 -16.07
CA ALA A 29 -32.74 -7.16 -15.65
C ALA A 29 -32.47 -6.26 -14.46
N ASP A 30 -31.52 -6.65 -13.60
CA ASP A 30 -31.21 -5.86 -12.41
C ASP A 30 -30.23 -4.71 -12.64
N HIS A 31 -29.82 -4.50 -13.89
CA HIS A 31 -28.89 -3.43 -14.25
C HIS A 31 -29.62 -2.31 -14.98
N LEU A 32 -30.93 -2.44 -15.12
CA LEU A 32 -31.71 -1.45 -15.84
C LEU A 32 -32.20 -0.27 -15.04
N ASN A 33 -32.54 0.79 -15.77
CA ASN A 33 -33.10 1.99 -15.17
C ASN A 33 -34.60 1.89 -15.43
N LEU A 34 -35.35 2.93 -15.05
CA LEU A 34 -36.80 2.93 -15.23
C LEU A 34 -37.23 2.92 -16.69
N HIS A 35 -36.30 3.23 -17.58
CA HIS A 35 -36.60 3.28 -19.00
C HIS A 35 -36.35 1.97 -19.74
N GLY A 36 -35.85 0.97 -19.03
CA GLY A 36 -35.60 -0.31 -19.65
C GLY A 36 -34.25 -0.42 -20.34
N THR A 37 -33.37 0.54 -20.08
CA THR A 37 -32.05 0.51 -20.68
C THR A 37 -30.97 0.43 -19.60
N ALA A 38 -29.80 -0.04 -19.99
CA ALA A 38 -28.68 -0.19 -19.07
C ALA A 38 -28.43 1.09 -18.29
N HIS A 39 -28.43 0.95 -16.97
CA HIS A 39 -28.19 2.08 -16.09
C HIS A 39 -26.79 2.61 -16.36
N GLY A 40 -26.63 3.93 -16.34
CA GLY A 40 -25.34 4.53 -16.59
C GLY A 40 -24.30 4.04 -15.60
N GLY A 41 -24.77 3.68 -14.41
CA GLY A 41 -23.87 3.19 -13.40
C GLY A 41 -23.33 1.80 -13.72
N PHE A 42 -24.10 1.01 -14.46
CA PHE A 42 -23.66 -0.34 -14.81
C PHE A 42 -22.53 -0.27 -15.83
N LEU A 43 -22.72 0.53 -16.87
CA LEU A 43 -21.70 0.67 -17.90
C LEU A 43 -20.41 1.29 -17.34
N TYR A 44 -20.55 2.22 -16.39
CA TYR A 44 -19.37 2.84 -15.78
C TYR A 44 -18.62 1.82 -14.94
N ALA A 45 -19.35 1.06 -14.13
CA ALA A 45 -18.76 0.03 -13.27
C ALA A 45 -17.94 -0.94 -14.12
N LEU A 46 -18.48 -1.33 -15.26
CA LEU A 46 -17.80 -2.25 -16.16
C LEU A 46 -16.46 -1.67 -16.62
N ALA A 47 -16.51 -0.45 -17.16
CA ALA A 47 -15.31 0.21 -17.65
C ALA A 47 -14.35 0.54 -16.51
N ASP A 48 -14.89 0.97 -15.38
CA ASP A 48 -14.07 1.30 -14.21
C ASP A 48 -13.34 0.05 -13.70
N SER A 49 -13.98 -1.12 -13.84
CA SER A 49 -13.38 -2.36 -13.39
C SER A 49 -12.15 -2.72 -14.23
N ALA A 50 -12.27 -2.54 -15.55
CA ALA A 50 -11.15 -2.83 -16.46
C ALA A 50 -10.00 -1.86 -16.14
N PHE A 51 -10.37 -0.60 -15.90
CA PHE A 51 -9.44 0.48 -15.58
C PHE A 51 -8.66 0.16 -14.30
N ALA A 52 -9.39 -0.27 -13.27
CA ALA A 52 -8.78 -0.63 -11.99
C ALA A 52 -7.80 -1.79 -12.14
N LEU A 53 -8.21 -2.82 -12.88
CA LEU A 53 -7.38 -3.99 -13.09
C LEU A 53 -6.13 -3.64 -13.90
N ALA A 54 -6.32 -2.93 -15.01
CA ALA A 54 -5.20 -2.56 -15.85
C ALA A 54 -4.15 -1.71 -15.10
N SER A 55 -4.62 -0.75 -14.32
CA SER A 55 -3.70 0.12 -13.59
C SER A 55 -2.94 -0.58 -12.46
N ASN A 56 -3.58 -1.54 -11.81
CA ASN A 56 -2.92 -2.24 -10.72
C ASN A 56 -1.91 -3.30 -11.16
N THR A 57 -1.76 -3.50 -12.47
CA THR A 57 -0.79 -4.47 -12.96
C THR A 57 0.59 -3.80 -12.80
N ARG A 58 0.58 -2.50 -12.53
CA ARG A 58 1.81 -1.73 -12.35
C ARG A 58 2.11 -1.49 -10.88
N GLY A 59 1.27 -2.02 -10.01
CA GLY A 59 1.44 -1.81 -8.58
C GLY A 59 0.18 -1.16 -8.02
N PRO A 60 0.10 -0.96 -6.70
CA PRO A 60 -1.08 -0.35 -6.10
C PRO A 60 -1.43 1.02 -6.66
N ALA A 61 -2.70 1.19 -7.04
CA ALA A 61 -3.17 2.45 -7.59
C ALA A 61 -4.65 2.66 -7.27
N VAL A 62 -5.02 3.91 -7.02
CA VAL A 62 -6.41 4.24 -6.71
C VAL A 62 -6.95 5.29 -7.68
N ALA A 63 -8.22 5.15 -8.02
CA ALA A 63 -8.88 6.06 -8.95
C ALA A 63 -8.83 7.50 -8.43
N LEU A 64 -8.48 8.41 -9.33
CA LEU A 64 -8.41 9.82 -9.01
C LEU A 64 -9.52 10.60 -9.73
N SER A 65 -9.41 10.61 -11.07
CA SER A 65 -10.42 11.26 -11.90
C SER A 65 -10.81 10.39 -13.09
N CYS A 66 -12.13 10.21 -13.27
CA CYS A 66 -12.60 9.40 -14.39
C CYS A 66 -13.71 10.13 -15.18
N ARG A 67 -13.66 9.94 -16.52
CA ARG A 67 -14.71 10.51 -17.35
C ARG A 67 -15.42 9.41 -18.14
N MET A 68 -16.75 9.53 -18.23
CA MET A 68 -17.52 8.55 -18.99
C MET A 68 -18.38 9.25 -20.05
N ASP A 69 -18.20 8.88 -21.31
CA ASP A 69 -18.99 9.47 -22.39
C ASP A 69 -19.92 8.40 -22.98
N TYR A 70 -21.23 8.63 -22.83
CA TYR A 70 -22.24 7.69 -23.31
C TYR A 70 -22.64 7.98 -24.76
N PHE A 71 -22.66 6.94 -25.59
CA PHE A 71 -23.00 7.08 -27.00
C PHE A 71 -24.23 6.27 -27.42
N ARG A 72 -24.36 5.06 -26.90
CA ARG A 72 -25.47 4.20 -27.27
C ARG A 72 -26.16 3.53 -26.10
N PRO A 73 -27.49 3.49 -26.11
CA PRO A 73 -28.23 2.85 -25.01
C PRO A 73 -28.25 1.36 -25.27
N LEU A 74 -28.38 0.57 -24.21
CA LEU A 74 -28.41 -0.88 -24.36
C LEU A 74 -29.55 -1.49 -23.54
N GLY A 75 -30.12 -2.57 -24.05
CA GLY A 75 -31.19 -3.25 -23.33
C GLY A 75 -30.64 -4.52 -22.72
N ALA A 76 -31.44 -5.16 -21.87
CA ALA A 76 -31.02 -6.41 -21.23
C ALA A 76 -30.70 -7.44 -22.31
N GLY A 77 -29.76 -8.33 -22.01
CA GLY A 77 -29.38 -9.35 -22.97
C GLY A 77 -28.18 -8.96 -23.78
N ALA A 78 -27.86 -7.66 -23.80
CA ALA A 78 -26.72 -7.19 -24.56
C ALA A 78 -25.39 -7.59 -23.93
N ARG A 79 -24.51 -8.16 -24.76
CA ARG A 79 -23.18 -8.57 -24.34
C ARG A 79 -22.28 -7.35 -24.45
N VAL A 80 -21.47 -7.10 -23.42
CA VAL A 80 -20.60 -5.94 -23.44
C VAL A 80 -19.19 -6.26 -22.96
N GLU A 81 -18.22 -5.57 -23.54
CA GLU A 81 -16.81 -5.74 -23.19
C GLU A 81 -16.12 -4.39 -23.00
N ALA A 82 -15.27 -4.31 -21.98
CA ALA A 82 -14.53 -3.09 -21.70
C ALA A 82 -13.04 -3.42 -21.85
N ARG A 83 -12.39 -2.73 -22.76
CA ARG A 83 -10.97 -2.95 -22.98
C ARG A 83 -10.18 -1.73 -22.53
N ALA A 84 -9.36 -1.92 -21.50
CA ALA A 84 -8.57 -0.82 -20.97
C ALA A 84 -7.16 -0.79 -21.55
N VAL A 85 -6.74 0.36 -22.04
CA VAL A 85 -5.40 0.50 -22.59
C VAL A 85 -4.71 1.70 -21.95
N GLU A 86 -3.44 1.50 -21.62
CA GLU A 86 -2.63 2.52 -20.97
C GLU A 86 -2.15 3.55 -21.99
N VAL A 87 -2.45 4.83 -21.74
CA VAL A 87 -2.02 5.88 -22.65
C VAL A 87 -0.86 6.68 -22.06
N ASN A 88 -0.72 6.65 -20.75
CA ASN A 88 0.38 7.33 -20.07
C ASN A 88 0.71 6.65 -18.76
N LEU A 89 1.99 6.47 -18.52
CA LEU A 89 2.46 5.85 -17.29
C LEU A 89 3.56 6.71 -16.69
N SER A 90 3.27 7.31 -15.54
CA SER A 90 4.23 8.16 -14.85
C SER A 90 4.61 7.53 -13.52
N ARG A 91 5.57 8.14 -12.84
CA ARG A 91 6.02 7.61 -11.55
C ARG A 91 4.92 7.74 -10.50
N ARG A 92 4.09 8.78 -10.59
CA ARG A 92 3.03 8.97 -9.60
C ARG A 92 1.60 8.87 -10.10
N THR A 93 1.41 8.84 -11.42
CA THR A 93 0.06 8.72 -11.97
C THR A 93 0.08 7.96 -13.27
N ALA A 94 -1.10 7.55 -13.73
CA ALA A 94 -1.23 6.83 -14.98
C ALA A 94 -2.63 7.06 -15.51
N THR A 95 -2.77 7.08 -16.83
CA THR A 95 -4.06 7.31 -17.44
C THR A 95 -4.41 6.20 -18.42
N TYR A 96 -5.67 5.79 -18.41
CA TYR A 96 -6.13 4.73 -19.28
C TYR A 96 -7.40 5.07 -20.04
N ARG A 97 -7.47 4.56 -21.26
CA ARG A 97 -8.66 4.73 -22.08
C ARG A 97 -9.36 3.38 -22.06
N VAL A 98 -10.66 3.39 -21.81
CA VAL A 98 -11.42 2.15 -21.80
C VAL A 98 -12.60 2.27 -22.73
N GLU A 99 -12.66 1.39 -23.72
CA GLU A 99 -13.76 1.39 -24.67
C GLU A 99 -14.76 0.34 -24.25
N VAL A 100 -16.03 0.74 -24.22
CA VAL A 100 -17.12 -0.16 -23.88
C VAL A 100 -17.75 -0.48 -25.23
N VAL A 101 -17.70 -1.75 -25.60
CA VAL A 101 -18.19 -2.21 -26.89
C VAL A 101 -19.24 -3.32 -26.78
N SER A 102 -20.20 -3.28 -27.69
CA SER A 102 -21.24 -4.30 -27.75
C SER A 102 -21.49 -4.56 -29.24
N GLU A 103 -21.35 -5.82 -29.64
CA GLU A 103 -21.55 -6.22 -31.03
C GLU A 103 -20.88 -5.30 -32.03
N GLY A 104 -19.60 -5.00 -31.78
CA GLY A 104 -18.85 -4.14 -32.67
C GLY A 104 -19.16 -2.65 -32.58
N LYS A 105 -20.09 -2.26 -31.72
CA LYS A 105 -20.45 -0.85 -31.59
C LYS A 105 -19.84 -0.22 -30.35
N LEU A 106 -19.27 0.96 -30.51
CA LEU A 106 -18.68 1.66 -29.38
C LEU A 106 -19.83 2.27 -28.59
N VAL A 107 -20.17 1.63 -27.47
CA VAL A 107 -21.26 2.05 -26.59
C VAL A 107 -20.91 3.25 -25.73
N ALA A 108 -19.66 3.30 -25.26
CA ALA A 108 -19.22 4.40 -24.42
C ALA A 108 -17.70 4.46 -24.38
N LEU A 109 -17.18 5.63 -23.99
CA LEU A 109 -15.74 5.86 -23.88
C LEU A 109 -15.41 6.34 -22.47
N PHE A 110 -14.52 5.62 -21.82
CA PHE A 110 -14.11 5.95 -20.46
C PHE A 110 -12.66 6.40 -20.46
N THR A 111 -12.36 7.43 -19.67
CA THR A 111 -11.00 7.94 -19.55
C THR A 111 -10.72 8.06 -18.07
N GLY A 112 -9.63 7.45 -17.61
CA GLY A 112 -9.34 7.52 -16.19
C GLY A 112 -7.88 7.68 -15.83
N THR A 113 -7.65 8.36 -14.72
CA THR A 113 -6.32 8.58 -14.21
C THR A 113 -6.22 8.07 -12.77
N VAL A 114 -5.15 7.35 -12.48
CA VAL A 114 -4.94 6.82 -11.15
C VAL A 114 -3.78 7.50 -10.45
N PHE A 115 -3.77 7.35 -9.14
CA PHE A 115 -2.72 7.88 -8.29
C PHE A 115 -1.98 6.61 -7.87
N ARG A 116 -0.68 6.54 -8.13
CA ARG A 116 0.09 5.35 -7.78
C ARG A 116 0.67 5.41 -6.38
N LEU A 117 0.06 4.66 -5.46
CA LEU A 117 0.50 4.65 -4.06
C LEU A 117 1.97 4.24 -3.92
N ARG B 2 -10.88 31.70 -40.89
CA ARG B 2 -9.83 32.30 -40.03
C ARG B 2 -10.23 32.33 -38.55
N ASP B 3 -9.34 31.86 -37.68
CA ASP B 3 -9.60 31.85 -36.24
C ASP B 3 -8.62 32.80 -35.55
N PRO B 4 -9.10 33.98 -35.14
CA PRO B 4 -8.28 34.99 -34.47
C PRO B 4 -7.44 34.49 -33.30
N PHE B 5 -8.01 33.68 -32.42
CA PHE B 5 -7.27 33.19 -31.27
C PHE B 5 -6.17 32.23 -31.71
N MET B 6 -6.47 31.39 -32.69
CA MET B 6 -5.47 30.47 -33.20
C MET B 6 -4.30 31.28 -33.74
N GLU B 7 -4.60 32.35 -34.47
CA GLU B 7 -3.58 33.22 -35.04
C GLU B 7 -2.74 33.90 -33.98
N ALA B 8 -3.42 34.42 -32.95
CA ALA B 8 -2.76 35.09 -31.84
C ALA B 8 -1.76 34.15 -31.18
N LEU B 9 -2.10 32.87 -31.14
CA LEU B 9 -1.23 31.88 -30.51
C LEU B 9 -0.23 31.26 -31.48
N GLY B 10 -0.28 31.65 -32.74
CA GLY B 10 0.65 31.12 -33.72
C GLY B 10 0.38 29.68 -34.14
N LEU B 11 -0.87 29.23 -33.98
CA LEU B 11 -1.25 27.88 -34.36
C LEU B 11 -1.59 27.81 -35.85
N LYS B 12 -1.11 26.77 -36.51
CA LYS B 12 -1.37 26.59 -37.94
C LYS B 12 -2.16 25.31 -38.21
N VAL B 13 -3.09 25.38 -39.15
CA VAL B 13 -3.87 24.20 -39.51
C VAL B 13 -3.04 23.44 -40.55
N LEU B 14 -2.65 22.21 -40.22
CA LEU B 14 -1.86 21.40 -41.15
C LEU B 14 -2.73 20.53 -42.02
N HIS B 15 -3.93 20.21 -41.55
CA HIS B 15 -4.81 19.34 -42.30
C HIS B 15 -6.25 19.41 -41.81
N LEU B 16 -7.18 19.36 -42.75
CA LEU B 16 -8.59 19.40 -42.41
C LEU B 16 -9.33 18.50 -43.38
N ALA B 17 -10.07 17.53 -42.83
CA ALA B 17 -10.86 16.59 -43.64
C ALA B 17 -12.11 16.23 -42.84
N PRO B 18 -13.12 15.62 -43.48
CA PRO B 18 -14.34 15.26 -42.74
C PRO B 18 -14.08 14.56 -41.40
N GLY B 19 -14.54 15.19 -40.33
CA GLY B 19 -14.38 14.65 -38.99
C GLY B 19 -12.95 14.58 -38.48
N GLU B 20 -12.03 15.29 -39.12
CA GLU B 20 -10.63 15.25 -38.73
C GLU B 20 -9.88 16.57 -38.90
N ALA B 21 -8.82 16.76 -38.11
CA ALA B 21 -8.01 17.97 -38.20
C ALA B 21 -6.69 17.83 -37.47
N VAL B 22 -5.66 18.50 -37.98
CA VAL B 22 -4.34 18.50 -37.37
C VAL B 22 -3.92 19.96 -37.28
N VAL B 23 -3.53 20.38 -36.08
CA VAL B 23 -3.12 21.76 -35.83
C VAL B 23 -1.75 21.69 -35.20
N ALA B 24 -0.85 22.56 -35.64
CA ALA B 24 0.51 22.58 -35.11
C ALA B 24 0.92 23.97 -34.66
N GLY B 25 1.92 24.01 -33.79
CA GLY B 25 2.41 25.28 -33.28
C GLY B 25 3.73 25.09 -32.56
N GLU B 26 4.21 26.15 -31.94
CA GLU B 26 5.45 26.10 -31.20
C GLU B 26 5.25 26.85 -29.89
N VAL B 27 5.74 26.27 -28.79
CA VAL B 27 5.62 26.92 -27.50
C VAL B 27 6.53 28.15 -27.53
N ARG B 28 5.96 29.32 -27.31
CA ARG B 28 6.74 30.55 -27.33
C ARG B 28 6.86 31.11 -25.92
N ALA B 29 7.62 32.18 -25.76
CA ALA B 29 7.83 32.82 -24.47
C ALA B 29 6.51 33.32 -23.88
N ASP B 30 5.60 33.76 -24.74
CA ASP B 30 4.30 34.28 -24.29
C ASP B 30 3.30 33.18 -23.92
N HIS B 31 3.70 31.93 -24.08
CA HIS B 31 2.82 30.79 -23.77
C HIS B 31 3.20 30.12 -22.45
N LEU B 32 4.22 30.63 -21.79
CA LEU B 32 4.70 30.05 -20.54
C LEU B 32 3.96 30.42 -19.27
N ASN B 33 4.06 29.56 -18.26
CA ASN B 33 3.46 29.82 -16.98
C ASN B 33 4.61 30.35 -16.12
N LEU B 34 4.38 30.50 -14.82
CA LEU B 34 5.40 31.01 -13.92
C LEU B 34 6.61 30.08 -13.78
N HIS B 35 6.42 28.79 -14.07
CA HIS B 35 7.49 27.82 -13.93
C HIS B 35 8.39 27.67 -15.15
N GLY B 36 8.08 28.38 -16.22
CA GLY B 36 8.90 28.28 -17.43
C GLY B 36 8.46 27.20 -18.39
N THR B 37 7.29 26.62 -18.17
CA THR B 37 6.78 25.59 -19.07
C THR B 37 5.48 26.05 -19.71
N ALA B 38 5.07 25.38 -20.79
CA ALA B 38 3.85 25.73 -21.49
C ALA B 38 2.65 25.77 -20.53
N HIS B 39 1.93 26.88 -20.54
CA HIS B 39 0.76 27.06 -19.69
C HIS B 39 -0.31 26.05 -20.11
N GLY B 40 -1.01 25.47 -19.14
CA GLY B 40 -2.04 24.48 -19.45
C GLY B 40 -3.09 25.04 -20.40
N GLY B 41 -3.25 26.36 -20.38
CA GLY B 41 -4.22 26.99 -21.25
C GLY B 41 -3.79 26.96 -22.70
N PHE B 42 -2.48 27.04 -22.94
CA PHE B 42 -1.98 27.03 -24.30
C PHE B 42 -2.19 25.65 -24.90
N LEU B 43 -1.77 24.62 -24.19
CA LEU B 43 -1.92 23.24 -24.66
C LEU B 43 -3.40 22.95 -24.90
N TYR B 44 -4.25 23.36 -23.97
CA TYR B 44 -5.67 23.13 -24.13
C TYR B 44 -6.20 23.86 -25.36
N ALA B 45 -5.78 25.11 -25.53
CA ALA B 45 -6.22 25.91 -26.67
C ALA B 45 -5.88 25.23 -27.99
N LEU B 46 -4.71 24.61 -28.04
CA LEU B 46 -4.28 23.89 -29.23
C LEU B 46 -5.20 22.69 -29.47
N ALA B 47 -5.37 21.85 -28.44
CA ALA B 47 -6.22 20.67 -28.57
C ALA B 47 -7.64 21.07 -28.93
N ASP B 48 -8.12 22.10 -28.24
CA ASP B 48 -9.46 22.61 -28.44
C ASP B 48 -9.68 23.13 -29.87
N SER B 49 -8.67 23.78 -30.43
CA SER B 49 -8.77 24.30 -31.79
C SER B 49 -8.99 23.17 -32.82
N ALA B 50 -8.20 22.12 -32.70
CA ALA B 50 -8.31 20.98 -33.60
C ALA B 50 -9.69 20.32 -33.43
N PHE B 51 -10.14 20.26 -32.19
CA PHE B 51 -11.45 19.69 -31.81
C PHE B 51 -12.55 20.51 -32.50
N ALA B 52 -12.46 21.84 -32.39
CA ALA B 52 -13.46 22.73 -32.99
C ALA B 52 -13.50 22.59 -34.52
N LEU B 53 -12.34 22.54 -35.15
CA LEU B 53 -12.27 22.43 -36.61
C LEU B 53 -12.82 21.10 -37.10
N ALA B 54 -12.39 20.00 -36.49
CA ALA B 54 -12.85 18.68 -36.89
C ALA B 54 -14.37 18.53 -36.72
N SER B 55 -14.89 18.96 -35.57
CA SER B 55 -16.33 18.84 -35.31
C SER B 55 -17.17 19.70 -36.27
N ASN B 56 -16.64 20.83 -36.70
CA ASN B 56 -17.40 21.69 -37.60
C ASN B 56 -17.37 21.30 -39.08
N THR B 57 -16.58 20.29 -39.44
CA THR B 57 -16.54 19.85 -40.83
C THR B 57 -17.85 19.09 -41.09
N ARG B 58 -18.52 18.69 -40.00
CA ARG B 58 -19.80 17.97 -40.10
C ARG B 58 -20.96 18.93 -40.12
N GLY B 59 -20.67 20.19 -39.84
CA GLY B 59 -21.71 21.20 -39.80
C GLY B 59 -21.53 22.01 -38.52
N PRO B 60 -22.17 23.17 -38.40
CA PRO B 60 -22.01 23.98 -37.19
C PRO B 60 -22.25 23.19 -35.90
N ALA B 61 -21.26 23.22 -35.01
CA ALA B 61 -21.34 22.50 -33.75
C ALA B 61 -20.72 23.33 -32.64
N VAL B 62 -21.25 23.16 -31.43
CA VAL B 62 -20.74 23.89 -30.27
C VAL B 62 -20.30 22.93 -29.17
N ALA B 63 -19.18 23.27 -28.53
CA ALA B 63 -18.63 22.46 -27.46
C ALA B 63 -19.56 22.40 -26.26
N LEU B 64 -19.67 21.20 -25.68
CA LEU B 64 -20.46 21.00 -24.47
C LEU B 64 -19.55 20.73 -23.28
N SER B 65 -18.84 19.59 -23.39
CA SER B 65 -17.91 19.21 -22.34
C SER B 65 -16.57 18.72 -22.91
N CYS B 66 -15.48 19.23 -22.31
CA CYS B 66 -14.14 18.79 -22.72
C CYS B 66 -13.29 18.38 -21.51
N ARG B 67 -12.48 17.34 -21.71
CA ARG B 67 -11.56 16.93 -20.66
C ARG B 67 -10.10 16.99 -21.15
N MET B 68 -9.23 17.53 -20.29
CA MET B 68 -7.81 17.59 -20.64
C MET B 68 -6.95 16.90 -19.57
N ASP B 69 -6.15 15.93 -19.99
CA ASP B 69 -5.27 15.23 -19.07
C ASP B 69 -3.83 15.58 -19.49
N TYR B 70 -3.04 16.10 -18.55
CA TYR B 70 -1.66 16.50 -18.81
C TYR B 70 -0.66 15.42 -18.38
N PHE B 71 0.24 15.06 -19.28
CA PHE B 71 1.24 14.02 -19.00
C PHE B 71 2.67 14.53 -18.93
N ARG B 72 3.05 15.39 -19.86
CA ARG B 72 4.41 15.92 -19.95
C ARG B 72 4.46 17.42 -20.12
N PRO B 73 5.36 18.10 -19.38
CA PRO B 73 5.52 19.55 -19.48
C PRO B 73 6.39 19.87 -20.70
N LEU B 74 6.19 21.05 -21.29
CA LEU B 74 6.99 21.45 -22.44
C LEU B 74 7.62 22.81 -22.20
N GLY B 75 8.83 23.00 -22.70
CA GLY B 75 9.51 24.28 -22.54
C GLY B 75 9.41 25.07 -23.83
N ALA B 76 9.80 26.34 -23.79
CA ALA B 76 9.73 27.18 -24.99
C ALA B 76 10.59 26.56 -26.09
N GLY B 77 10.13 26.71 -27.33
CA GLY B 77 10.87 26.16 -28.46
C GLY B 77 10.36 24.79 -28.88
N ALA B 78 9.60 24.14 -28.01
CA ALA B 78 9.07 22.82 -28.33
C ALA B 78 8.01 22.87 -29.42
N ARG B 79 8.13 21.99 -30.40
CA ARG B 79 7.18 21.91 -31.49
C ARG B 79 6.08 20.96 -31.01
N VAL B 80 4.83 21.34 -31.21
CA VAL B 80 3.73 20.52 -30.76
C VAL B 80 2.63 20.49 -31.81
N GLU B 81 1.88 19.39 -31.85
CA GLU B 81 0.79 19.22 -32.80
C GLU B 81 -0.35 18.44 -32.14
N ALA B 82 -1.57 18.74 -32.55
CA ALA B 82 -2.74 18.08 -31.99
C ALA B 82 -3.56 17.46 -33.11
N ARG B 83 -3.81 16.16 -33.00
CA ARG B 83 -4.59 15.45 -34.01
C ARG B 83 -5.96 15.11 -33.44
N ALA B 84 -7.01 15.66 -34.03
CA ALA B 84 -8.37 15.39 -33.59
C ALA B 84 -8.99 14.31 -34.45
N VAL B 85 -9.52 13.27 -33.81
CA VAL B 85 -10.17 12.17 -34.51
C VAL B 85 -11.57 11.95 -33.92
N GLU B 86 -12.50 11.57 -34.78
CA GLU B 86 -13.90 11.34 -34.42
C GLU B 86 -14.14 9.95 -33.82
N VAL B 87 -14.57 9.88 -32.57
CA VAL B 87 -14.81 8.60 -31.94
C VAL B 87 -16.28 8.21 -31.98
N ASN B 88 -17.16 9.21 -32.02
CA ASN B 88 -18.59 8.94 -32.11
C ASN B 88 -19.27 10.08 -32.86
N LEU B 89 -20.18 9.71 -33.76
CA LEU B 89 -20.91 10.71 -34.53
C LEU B 89 -22.40 10.40 -34.49
N SER B 90 -23.13 11.21 -33.73
CA SER B 90 -24.58 11.05 -33.61
C SER B 90 -25.25 12.19 -34.37
N ARG B 91 -26.58 12.16 -34.45
CA ARG B 91 -27.30 13.21 -35.15
C ARG B 91 -27.30 14.52 -34.38
N ARG B 92 -27.30 14.43 -33.05
CA ARG B 92 -27.31 15.63 -32.21
C ARG B 92 -26.00 15.94 -31.51
N THR B 93 -25.11 14.96 -31.42
CA THR B 93 -23.83 15.16 -30.74
C THR B 93 -22.73 14.37 -31.42
N ALA B 94 -21.49 14.74 -31.11
CA ALA B 94 -20.32 14.07 -31.66
C ALA B 94 -19.22 14.23 -30.63
N THR B 95 -18.34 13.22 -30.54
CA THR B 95 -17.25 13.25 -29.58
C THR B 95 -15.94 12.97 -30.27
N TYR B 96 -14.90 13.70 -29.88
CA TYR B 96 -13.58 13.56 -30.50
C TYR B 96 -12.43 13.35 -29.52
N ARG B 97 -11.41 12.64 -29.99
CA ARG B 97 -10.21 12.39 -29.19
C ARG B 97 -9.13 13.26 -29.83
N VAL B 98 -8.39 13.98 -29.01
CA VAL B 98 -7.33 14.85 -29.51
C VAL B 98 -6.04 14.54 -28.78
N GLU B 99 -5.07 13.98 -29.50
CA GLU B 99 -3.79 13.66 -28.89
C GLU B 99 -2.88 14.85 -29.11
N VAL B 100 -2.23 15.31 -28.05
CA VAL B 100 -1.31 16.43 -28.17
C VAL B 100 0.06 15.80 -28.07
N VAL B 101 0.86 15.94 -29.13
CA VAL B 101 2.16 15.32 -29.16
C VAL B 101 3.32 16.25 -29.50
N SER B 102 4.51 15.82 -29.13
CA SER B 102 5.73 16.56 -29.40
C SER B 102 6.84 15.52 -29.51
N GLU B 103 7.52 15.51 -30.66
CA GLU B 103 8.60 14.57 -30.91
C GLU B 103 8.12 13.14 -30.69
N GLY B 104 6.94 12.83 -31.22
CA GLY B 104 6.40 11.48 -31.09
C GLY B 104 5.90 11.06 -29.72
N LYS B 105 5.92 11.97 -28.75
CA LYS B 105 5.48 11.64 -27.41
C LYS B 105 4.14 12.29 -27.07
N LEU B 106 3.27 11.54 -26.41
CA LEU B 106 1.97 12.06 -26.03
C LEU B 106 2.14 13.01 -24.83
N VAL B 107 1.99 14.30 -25.09
CA VAL B 107 2.12 15.35 -24.09
C VAL B 107 0.84 15.54 -23.28
N ALA B 108 -0.30 15.33 -23.94
CA ALA B 108 -1.59 15.49 -23.29
C ALA B 108 -2.68 14.80 -24.11
N LEU B 109 -3.79 14.49 -23.47
CA LEU B 109 -4.92 13.84 -24.14
C LEU B 109 -6.17 14.66 -23.86
N PHE B 110 -6.89 14.96 -24.93
CA PHE B 110 -8.10 15.76 -24.85
C PHE B 110 -9.30 14.98 -25.39
N THR B 111 -10.44 15.12 -24.71
CA THR B 111 -11.67 14.44 -25.13
C THR B 111 -12.76 15.52 -25.12
N GLY B 112 -13.48 15.66 -26.22
CA GLY B 112 -14.53 16.67 -26.24
C GLY B 112 -15.78 16.24 -26.97
N THR B 113 -16.92 16.72 -26.50
CA THR B 113 -18.19 16.40 -27.11
C THR B 113 -18.86 17.71 -27.53
N VAL B 114 -19.49 17.70 -28.70
CA VAL B 114 -20.17 18.88 -29.21
C VAL B 114 -21.66 18.62 -29.39
N PHE B 115 -22.42 19.71 -29.46
CA PHE B 115 -23.85 19.65 -29.70
C PHE B 115 -23.95 20.07 -31.16
N ARG B 116 -24.54 19.23 -31.99
CA ARG B 116 -24.65 19.53 -33.41
C ARG B 116 -25.89 20.38 -33.71
N LEU B 117 -25.67 21.59 -34.21
CA LEU B 117 -26.78 22.48 -34.52
C LEU B 117 -27.61 21.99 -35.71
N ASP C 3 -36.60 1.67 -9.86
CA ASP C 3 -35.36 1.50 -10.67
C ASP C 3 -34.67 0.19 -10.27
N PRO C 4 -34.69 -0.81 -11.17
CA PRO C 4 -34.07 -2.11 -10.90
C PRO C 4 -32.65 -2.04 -10.33
N PHE C 5 -31.76 -1.31 -10.99
CA PHE C 5 -30.38 -1.21 -10.54
C PHE C 5 -30.28 -0.55 -9.15
N MET C 6 -31.11 0.45 -8.90
CA MET C 6 -31.08 1.13 -7.61
C MET C 6 -31.49 0.16 -6.50
N GLU C 7 -32.51 -0.65 -6.78
CA GLU C 7 -32.96 -1.64 -5.81
C GLU C 7 -31.86 -2.69 -5.65
N ALA C 8 -31.22 -3.06 -6.75
CA ALA C 8 -30.16 -4.06 -6.71
C ALA C 8 -29.03 -3.61 -5.78
N LEU C 9 -28.71 -2.31 -5.83
CA LEU C 9 -27.63 -1.76 -5.00
C LEU C 9 -28.14 -1.36 -3.61
N GLY C 10 -29.44 -1.48 -3.37
CA GLY C 10 -29.99 -1.11 -2.08
C GLY C 10 -30.03 0.39 -1.84
N LEU C 11 -30.09 1.16 -2.91
CA LEU C 11 -30.14 2.63 -2.83
C LEU C 11 -31.56 3.11 -2.58
N LYS C 12 -31.69 4.19 -1.81
CA LYS C 12 -32.99 4.75 -1.48
C LYS C 12 -33.09 6.24 -1.79
N VAL C 13 -34.22 6.67 -2.35
CA VAL C 13 -34.44 8.08 -2.66
C VAL C 13 -34.95 8.76 -1.39
N LEU C 14 -34.21 9.76 -0.93
CA LEU C 14 -34.58 10.48 0.28
C LEU C 14 -35.32 11.78 0.00
N HIS C 15 -34.89 12.49 -1.04
CA HIS C 15 -35.47 13.76 -1.38
C HIS C 15 -35.53 13.96 -2.90
N LEU C 16 -36.63 14.53 -3.37
CA LEU C 16 -36.81 14.78 -4.79
C LEU C 16 -37.60 16.06 -4.95
N ALA C 17 -37.02 17.02 -5.65
CA ALA C 17 -37.67 18.31 -5.88
C ALA C 17 -37.22 18.85 -7.23
N PRO C 18 -37.83 19.96 -7.69
CA PRO C 18 -37.46 20.52 -8.99
C PRO C 18 -35.94 20.74 -9.13
N GLY C 19 -35.34 20.03 -10.08
CA GLY C 19 -33.92 20.17 -10.33
C GLY C 19 -32.98 19.67 -9.24
N GLU C 20 -33.46 18.81 -8.36
CA GLU C 20 -32.60 18.29 -7.30
C GLU C 20 -33.02 16.92 -6.79
N ALA C 21 -32.07 16.19 -6.21
CA ALA C 21 -32.37 14.86 -5.69
C ALA C 21 -31.29 14.41 -4.71
N VAL C 22 -31.72 13.63 -3.72
CA VAL C 22 -30.79 13.10 -2.72
C VAL C 22 -31.04 11.60 -2.61
N VAL C 23 -29.98 10.83 -2.81
CA VAL C 23 -30.06 9.37 -2.74
C VAL C 23 -29.08 8.87 -1.69
N ALA C 24 -29.50 7.84 -0.95
CA ALA C 24 -28.64 7.29 0.09
C ALA C 24 -28.49 5.79 -0.03
N GLY C 25 -27.39 5.29 0.49
CA GLY C 25 -27.12 3.87 0.46
C GLY C 25 -26.12 3.54 1.54
N GLU C 26 -25.69 2.29 1.57
CA GLU C 26 -24.71 1.84 2.55
C GLU C 26 -23.79 0.89 1.82
N VAL C 27 -22.50 0.98 2.10
CA VAL C 27 -21.53 0.10 1.47
C VAL C 27 -21.61 -1.28 2.09
N ARG C 28 -22.00 -2.26 1.27
CA ARG C 28 -22.11 -3.63 1.75
C ARG C 28 -20.92 -4.43 1.24
N ALA C 29 -20.76 -5.64 1.78
CA ALA C 29 -19.67 -6.52 1.39
C ALA C 29 -19.60 -6.72 -0.11
N ASP C 30 -20.74 -6.74 -0.79
CA ASP C 30 -20.74 -6.94 -2.23
C ASP C 30 -20.51 -5.67 -3.03
N HIS C 31 -20.19 -4.58 -2.34
CA HIS C 31 -19.93 -3.31 -3.01
C HIS C 31 -18.46 -2.96 -2.98
N LEU C 32 -17.65 -3.86 -2.43
CA LEU C 32 -16.22 -3.65 -2.31
C LEU C 32 -15.45 -4.04 -3.57
N ASN C 33 -14.27 -3.46 -3.73
CA ASN C 33 -13.42 -3.77 -4.87
C ASN C 33 -12.33 -4.75 -4.48
N LEU C 34 -11.36 -4.95 -5.37
CA LEU C 34 -10.26 -5.89 -5.09
C LEU C 34 -9.39 -5.45 -3.92
N HIS C 35 -9.52 -4.21 -3.48
CA HIS C 35 -8.72 -3.72 -2.35
C HIS C 35 -9.51 -3.73 -1.05
N GLY C 36 -10.77 -4.14 -1.10
CA GLY C 36 -11.57 -4.16 0.10
C GLY C 36 -12.18 -2.82 0.48
N THR C 37 -12.19 -1.88 -0.46
CA THR C 37 -12.78 -0.57 -0.21
C THR C 37 -13.97 -0.40 -1.17
N ALA C 38 -14.80 0.61 -0.95
CA ALA C 38 -15.96 0.84 -1.81
C ALA C 38 -15.48 0.95 -3.25
N HIS C 39 -16.07 0.14 -4.12
CA HIS C 39 -15.72 0.13 -5.54
C HIS C 39 -16.08 1.47 -6.19
N GLY C 40 -15.16 2.01 -6.99
CA GLY C 40 -15.44 3.28 -7.65
C GLY C 40 -16.73 3.24 -8.44
N GLY C 41 -17.09 2.06 -8.93
CA GLY C 41 -18.31 1.91 -9.70
C GLY C 41 -19.54 2.04 -8.85
N PHE C 42 -19.44 1.65 -7.59
CA PHE C 42 -20.56 1.75 -6.67
C PHE C 42 -20.83 3.21 -6.29
N LEU C 43 -19.76 3.95 -6.01
CA LEU C 43 -19.93 5.36 -5.64
C LEU C 43 -20.46 6.16 -6.82
N TYR C 44 -20.02 5.81 -8.02
CA TYR C 44 -20.50 6.50 -9.21
C TYR C 44 -21.98 6.19 -9.44
N ALA C 45 -22.34 4.92 -9.34
CA ALA C 45 -23.72 4.49 -9.53
C ALA C 45 -24.65 5.27 -8.60
N LEU C 46 -24.20 5.45 -7.36
CA LEU C 46 -24.96 6.20 -6.37
C LEU C 46 -25.14 7.64 -6.83
N ALA C 47 -24.03 8.28 -7.19
CA ALA C 47 -24.04 9.66 -7.67
C ALA C 47 -24.84 9.77 -8.96
N ASP C 48 -24.68 8.77 -9.83
CA ASP C 48 -25.38 8.76 -11.10
C ASP C 48 -26.88 8.67 -10.91
N SER C 49 -27.30 7.96 -9.87
CA SER C 49 -28.72 7.82 -9.60
C SER C 49 -29.37 9.15 -9.23
N ALA C 50 -28.72 9.89 -8.33
CA ALA C 50 -29.22 11.19 -7.92
C ALA C 50 -29.24 12.12 -9.13
N PHE C 51 -28.20 12.03 -9.94
CA PHE C 51 -28.05 12.83 -11.15
C PHE C 51 -29.20 12.56 -12.12
N ALA C 52 -29.51 11.28 -12.34
CA ALA C 52 -30.59 10.89 -13.25
C ALA C 52 -31.94 11.36 -12.74
N LEU C 53 -32.19 11.16 -11.45
CA LEU C 53 -33.45 11.59 -10.84
C LEU C 53 -33.61 13.11 -10.90
N ALA C 54 -32.56 13.83 -10.54
CA ALA C 54 -32.62 15.29 -10.55
C ALA C 54 -32.91 15.84 -11.94
N SER C 55 -32.20 15.33 -12.94
CA SER C 55 -32.37 15.80 -14.30
C SER C 55 -33.74 15.46 -14.83
N ASN C 56 -34.26 14.30 -14.48
CA ASN C 56 -35.57 13.91 -14.96
C ASN C 56 -36.75 14.67 -14.39
N THR C 57 -36.52 15.50 -13.37
CA THR C 57 -37.61 16.31 -12.81
C THR C 57 -37.90 17.44 -13.81
N ARG C 58 -36.99 17.62 -14.77
CA ARG C 58 -37.16 18.66 -15.79
C ARG C 58 -37.72 18.08 -17.08
N GLY C 59 -37.83 16.76 -17.13
CA GLY C 59 -38.35 16.12 -18.32
C GLY C 59 -37.41 14.98 -18.71
N PRO C 60 -37.73 14.22 -19.75
CA PRO C 60 -36.87 13.10 -20.16
C PRO C 60 -35.52 13.60 -20.67
N ALA C 61 -34.44 12.97 -20.20
CA ALA C 61 -33.10 13.35 -20.59
C ALA C 61 -32.17 12.16 -20.57
N VAL C 62 -31.10 12.22 -21.37
CA VAL C 62 -30.12 11.15 -21.45
C VAL C 62 -28.73 11.69 -21.11
N ALA C 63 -27.96 10.92 -20.34
CA ALA C 63 -26.63 11.33 -19.93
C ALA C 63 -25.68 11.38 -21.13
N LEU C 64 -24.84 12.41 -21.17
CA LEU C 64 -23.87 12.55 -22.25
C LEU C 64 -22.45 12.34 -21.72
N SER C 65 -22.04 13.19 -20.80
CA SER C 65 -20.70 13.11 -20.23
C SER C 65 -20.74 13.29 -18.72
N CYS C 66 -20.01 12.44 -18.02
CA CYS C 66 -19.97 12.51 -16.57
C CYS C 66 -18.55 12.38 -16.06
N ARG C 67 -18.24 13.13 -15.02
CA ARG C 67 -16.92 13.10 -14.40
C ARG C 67 -17.07 12.75 -12.94
N MET C 68 -16.12 11.97 -12.43
CA MET C 68 -16.14 11.58 -11.03
C MET C 68 -14.74 11.73 -10.45
N ASP C 69 -14.62 12.54 -9.41
CA ASP C 69 -13.35 12.75 -8.74
C ASP C 69 -13.42 12.14 -7.34
N TYR C 70 -12.52 11.20 -7.06
CA TYR C 70 -12.49 10.49 -5.79
C TYR C 70 -11.53 11.11 -4.77
N PHE C 71 -12.02 11.41 -3.57
CA PHE C 71 -11.18 12.03 -2.57
C PHE C 71 -10.87 11.14 -1.36
N ARG C 72 -11.84 10.34 -0.94
CA ARG C 72 -11.66 9.48 0.23
C ARG C 72 -12.23 8.09 0.03
N PRO C 73 -11.48 7.06 0.44
CA PRO C 73 -11.95 5.68 0.31
C PRO C 73 -12.95 5.38 1.43
N LEU C 74 -13.77 4.36 1.23
CA LEU C 74 -14.77 3.97 2.22
C LEU C 74 -14.75 2.46 2.45
N GLY C 75 -15.02 2.06 3.68
CA GLY C 75 -15.05 0.64 4.00
C GLY C 75 -16.48 0.15 4.13
N ALA C 76 -16.63 -1.16 4.24
CA ALA C 76 -17.95 -1.76 4.39
C ALA C 76 -18.64 -1.18 5.62
N GLY C 77 -19.94 -0.94 5.52
CA GLY C 77 -20.68 -0.39 6.63
C GLY C 77 -20.84 1.11 6.58
N ALA C 78 -20.01 1.80 5.79
CA ALA C 78 -20.10 3.24 5.68
C ALA C 78 -21.42 3.70 5.07
N ARG C 79 -22.07 4.66 5.71
CA ARG C 79 -23.32 5.20 5.20
C ARG C 79 -22.91 6.31 4.24
N VAL C 80 -23.42 6.26 3.03
CA VAL C 80 -23.06 7.26 2.03
C VAL C 80 -24.30 7.89 1.42
N GLU C 81 -24.14 9.11 0.94
CA GLU C 81 -25.23 9.88 0.36
C GLU C 81 -24.76 10.69 -0.84
N ALA C 82 -25.64 10.82 -1.84
CA ALA C 82 -25.35 11.62 -3.04
C ALA C 82 -26.37 12.75 -3.12
N ARG C 83 -25.89 13.99 -3.15
CA ARG C 83 -26.75 15.17 -3.23
C ARG C 83 -26.57 15.83 -4.58
N ALA C 84 -27.63 15.86 -5.38
CA ALA C 84 -27.56 16.46 -6.71
C ALA C 84 -28.22 17.83 -6.81
N VAL C 85 -27.50 18.77 -7.39
CA VAL C 85 -28.00 20.12 -7.60
C VAL C 85 -27.76 20.54 -9.05
N GLU C 86 -28.71 21.28 -9.58
CA GLU C 86 -28.64 21.76 -10.96
C GLU C 86 -27.73 22.98 -11.05
N VAL C 87 -26.73 22.92 -11.92
CA VAL C 87 -25.81 24.04 -12.08
C VAL C 87 -26.15 24.84 -13.34
N ASN C 88 -26.77 24.18 -14.31
CA ASN C 88 -27.18 24.84 -15.54
C ASN C 88 -28.35 24.11 -16.20
N LEU C 89 -29.30 24.89 -16.70
CA LEU C 89 -30.47 24.36 -17.36
C LEU C 89 -30.74 25.13 -18.65
N SER C 90 -30.69 24.45 -19.78
CA SER C 90 -31.03 25.05 -21.06
C SER C 90 -32.05 24.20 -21.80
N ARG C 91 -32.31 24.61 -23.05
CA ARG C 91 -33.33 23.93 -23.86
C ARG C 91 -32.99 22.47 -24.10
N ARG C 92 -31.75 22.24 -24.57
CA ARG C 92 -31.37 20.89 -25.00
C ARG C 92 -30.36 20.19 -24.07
N THR C 93 -29.86 20.94 -23.06
CA THR C 93 -28.91 20.34 -22.12
C THR C 93 -29.09 20.82 -20.68
N ALA C 94 -28.50 20.08 -19.75
CA ALA C 94 -28.54 20.43 -18.34
C ALA C 94 -27.30 19.82 -17.69
N THR C 95 -26.75 20.51 -16.71
CA THR C 95 -25.57 20.03 -16.02
C THR C 95 -25.81 20.04 -14.51
N TYR C 96 -25.40 18.96 -13.85
CA TYR C 96 -25.58 18.82 -12.41
C TYR C 96 -24.30 18.49 -11.67
N ARG C 97 -24.22 18.96 -10.43
CA ARG C 97 -23.08 18.66 -9.57
C ARG C 97 -23.65 17.72 -8.51
N VAL C 98 -22.96 16.62 -8.26
CA VAL C 98 -23.42 15.67 -7.25
C VAL C 98 -22.30 15.40 -6.28
N GLU C 99 -22.55 15.73 -5.02
CA GLU C 99 -21.56 15.51 -3.98
C GLU C 99 -21.85 14.20 -3.27
N VAL C 100 -20.82 13.38 -3.11
CA VAL C 100 -20.97 12.12 -2.42
C VAL C 100 -20.34 12.38 -1.06
N VAL C 101 -21.15 12.23 -0.01
CA VAL C 101 -20.71 12.49 1.35
C VAL C 101 -20.97 11.32 2.30
N SER C 102 -20.11 11.18 3.30
CA SER C 102 -20.24 10.15 4.31
C SER C 102 -19.76 10.73 5.63
N GLU C 103 -20.66 10.80 6.60
CA GLU C 103 -20.34 11.35 7.91
C GLU C 103 -19.74 12.75 7.84
N GLY C 104 -20.33 13.62 7.02
CA GLY C 104 -19.85 14.98 6.90
C GLY C 104 -18.62 15.19 6.01
N LYS C 105 -18.02 14.11 5.54
CA LYS C 105 -16.83 14.20 4.69
C LYS C 105 -17.20 14.07 3.21
N LEU C 106 -16.55 14.87 2.37
CA LEU C 106 -16.79 14.81 0.94
C LEU C 106 -15.98 13.64 0.42
N VAL C 107 -16.68 12.59 0.01
CA VAL C 107 -16.03 11.37 -0.47
C VAL C 107 -15.66 11.45 -1.94
N ALA C 108 -16.51 12.08 -2.73
CA ALA C 108 -16.26 12.19 -4.16
C ALA C 108 -17.14 13.27 -4.77
N LEU C 109 -16.71 13.78 -5.92
CA LEU C 109 -17.45 14.82 -6.62
C LEU C 109 -17.75 14.36 -8.04
N PHE C 110 -19.03 14.41 -8.38
CA PHE C 110 -19.52 14.00 -9.69
C PHE C 110 -20.05 15.24 -10.43
N THR C 111 -19.76 15.31 -11.73
CA THR C 111 -20.22 16.39 -12.58
C THR C 111 -20.83 15.72 -13.81
N GLY C 112 -22.10 16.01 -14.09
CA GLY C 112 -22.71 15.38 -15.24
C GLY C 112 -23.58 16.28 -16.08
N THR C 113 -23.54 16.04 -17.39
CA THR C 113 -24.34 16.81 -18.33
C THR C 113 -25.25 15.86 -19.09
N VAL C 114 -26.50 16.26 -19.29
CA VAL C 114 -27.48 15.44 -20.01
C VAL C 114 -27.98 16.19 -21.24
N PHE C 115 -28.54 15.43 -22.17
CA PHE C 115 -29.15 16.01 -23.36
C PHE C 115 -30.64 15.86 -23.08
N ARG C 116 -31.36 16.97 -23.11
CA ARG C 116 -32.80 16.93 -22.83
C ARG C 116 -33.59 16.58 -24.07
N LEU C 117 -34.44 15.56 -23.95
CA LEU C 117 -35.27 15.12 -25.07
C LEU C 117 -36.53 15.96 -25.18
N ARG D 2 1.28 37.27 -12.16
CA ARG D 2 0.87 36.97 -13.53
C ARG D 2 2.03 36.35 -14.33
N ASP D 3 1.78 35.12 -14.83
CA ASP D 3 2.77 34.53 -15.72
C ASP D 3 2.66 35.09 -17.14
N PRO D 4 3.63 34.76 -18.00
CA PRO D 4 3.64 35.23 -19.39
C PRO D 4 2.33 35.04 -20.18
N PHE D 5 1.71 33.88 -20.07
CA PHE D 5 0.47 33.64 -20.82
C PHE D 5 -0.67 34.53 -20.32
N MET D 6 -0.75 34.74 -19.01
CA MET D 6 -1.80 35.59 -18.46
C MET D 6 -1.66 37.00 -18.98
N GLU D 7 -0.42 37.50 -18.98
CA GLU D 7 -0.13 38.85 -19.46
C GLU D 7 -0.48 38.99 -20.94
N ALA D 8 -0.15 37.98 -21.72
CA ALA D 8 -0.43 37.98 -23.15
C ALA D 8 -1.92 38.06 -23.42
N LEU D 9 -2.71 37.38 -22.58
CA LEU D 9 -4.16 37.37 -22.74
C LEU D 9 -4.82 38.56 -22.04
N GLY D 10 -4.01 39.38 -21.36
CA GLY D 10 -4.54 40.55 -20.69
C GLY D 10 -5.38 40.22 -19.46
N LEU D 11 -5.05 39.12 -18.80
CA LEU D 11 -5.79 38.70 -17.62
C LEU D 11 -5.26 39.40 -16.36
N LYS D 12 -6.18 39.72 -15.45
CA LYS D 12 -5.82 40.39 -14.20
C LYS D 12 -6.25 39.57 -12.98
N VAL D 13 -5.43 39.61 -11.92
CA VAL D 13 -5.77 38.89 -10.70
C VAL D 13 -6.52 39.84 -9.77
N LEU D 14 -7.79 39.55 -9.54
CA LEU D 14 -8.61 40.39 -8.67
C LEU D 14 -8.58 39.97 -7.21
N HIS D 15 -8.39 38.68 -6.98
CA HIS D 15 -8.37 38.15 -5.62
C HIS D 15 -7.48 36.91 -5.52
N LEU D 16 -6.81 36.78 -4.39
CA LEU D 16 -5.93 35.64 -4.13
C LEU D 16 -5.85 35.42 -2.64
N ALA D 17 -6.32 34.27 -2.20
CA ALA D 17 -6.31 33.89 -0.79
C ALA D 17 -6.06 32.40 -0.71
N PRO D 18 -5.81 31.86 0.49
CA PRO D 18 -5.56 30.42 0.62
C PRO D 18 -6.66 29.59 -0.04
N GLY D 19 -6.28 28.79 -1.02
CA GLY D 19 -7.24 27.93 -1.69
C GLY D 19 -8.24 28.58 -2.62
N GLU D 20 -8.04 29.84 -2.96
CA GLU D 20 -8.97 30.53 -3.86
C GLU D 20 -8.31 31.61 -4.67
N ALA D 21 -8.96 31.98 -5.77
CA ALA D 21 -8.44 33.00 -6.66
C ALA D 21 -9.52 33.46 -7.61
N VAL D 22 -9.37 34.69 -8.09
CA VAL D 22 -10.31 35.24 -9.05
C VAL D 22 -9.49 35.97 -10.11
N VAL D 23 -9.69 35.58 -11.36
CA VAL D 23 -8.98 36.20 -12.48
C VAL D 23 -10.00 36.77 -13.43
N ALA D 24 -9.74 37.98 -13.89
CA ALA D 24 -10.65 38.64 -14.80
C ALA D 24 -9.95 39.00 -16.11
N GLY D 25 -10.76 39.18 -17.14
CA GLY D 25 -10.24 39.52 -18.44
C GLY D 25 -11.39 39.96 -19.31
N GLU D 26 -11.10 40.46 -20.50
CA GLU D 26 -12.14 40.90 -21.41
C GLU D 26 -11.92 40.19 -22.73
N VAL D 27 -13.00 39.78 -23.38
CA VAL D 27 -12.91 39.11 -24.66
C VAL D 27 -12.54 40.14 -25.72
N ARG D 28 -11.34 40.01 -26.27
CA ARG D 28 -10.86 40.93 -27.30
C ARG D 28 -11.08 40.30 -28.66
N ALA D 29 -10.86 41.08 -29.71
CA ALA D 29 -11.03 40.61 -31.07
C ALA D 29 -10.09 39.44 -31.37
N ASP D 30 -8.96 39.38 -30.69
CA ASP D 30 -8.01 38.29 -30.93
C ASP D 30 -8.26 37.08 -30.03
N HIS D 31 -9.38 37.12 -29.31
CA HIS D 31 -9.76 36.02 -28.41
C HIS D 31 -10.97 35.26 -28.97
N LEU D 32 -11.38 35.65 -30.17
CA LEU D 32 -12.54 35.02 -30.81
C LEU D 32 -12.22 33.81 -31.68
N ASN D 33 -13.19 32.91 -31.78
CA ASN D 33 -13.03 31.73 -32.62
C ASN D 33 -13.52 32.11 -34.02
N LEU D 34 -13.55 31.12 -34.91
CA LEU D 34 -13.96 31.39 -36.29
C LEU D 34 -15.45 31.75 -36.42
N HIS D 35 -16.18 31.58 -35.29
CA HIS D 35 -17.61 31.87 -35.31
C HIS D 35 -17.93 33.29 -34.83
N GLY D 36 -16.89 33.95 -34.26
CA GLY D 36 -17.08 35.32 -33.80
C GLY D 36 -17.45 35.39 -32.32
N THR D 37 -17.38 34.26 -31.62
CA THR D 37 -17.65 34.26 -30.18
C THR D 37 -16.36 33.90 -29.46
N ALA D 38 -16.34 34.10 -28.14
CA ALA D 38 -15.15 33.79 -27.36
C ALA D 38 -14.72 32.37 -27.64
N HIS D 39 -13.43 32.20 -27.91
CA HIS D 39 -12.86 30.90 -28.21
C HIS D 39 -12.89 30.04 -26.94
N GLY D 40 -13.27 28.77 -27.08
CA GLY D 40 -13.31 27.88 -25.93
C GLY D 40 -11.98 27.84 -25.21
N GLY D 41 -10.90 28.03 -25.95
CA GLY D 41 -9.57 28.02 -25.38
C GLY D 41 -9.24 29.25 -24.56
N PHE D 42 -9.91 30.38 -24.84
CA PHE D 42 -9.67 31.60 -24.08
C PHE D 42 -10.38 31.47 -22.73
N LEU D 43 -11.61 31.01 -22.77
CA LEU D 43 -12.41 30.84 -21.56
C LEU D 43 -11.74 29.83 -20.64
N TYR D 44 -11.17 28.79 -21.23
CA TYR D 44 -10.49 27.76 -20.45
C TYR D 44 -9.20 28.32 -19.85
N ALA D 45 -8.47 29.10 -20.63
CA ALA D 45 -7.22 29.67 -20.15
C ALA D 45 -7.50 30.56 -18.92
N LEU D 46 -8.63 31.24 -18.94
CA LEU D 46 -9.03 32.10 -17.84
C LEU D 46 -9.30 31.25 -16.60
N ALA D 47 -10.09 30.18 -16.79
CA ALA D 47 -10.42 29.28 -15.71
C ALA D 47 -9.16 28.59 -15.20
N ASP D 48 -8.36 28.08 -16.13
CA ASP D 48 -7.12 27.39 -15.79
C ASP D 48 -6.16 28.29 -15.01
N SER D 49 -6.16 29.58 -15.31
CA SER D 49 -5.28 30.52 -14.61
C SER D 49 -5.71 30.69 -13.15
N ALA D 50 -7.01 30.87 -12.91
CA ALA D 50 -7.53 31.02 -11.55
C ALA D 50 -7.23 29.73 -10.77
N PHE D 51 -7.41 28.60 -11.45
CA PHE D 51 -7.14 27.26 -10.93
C PHE D 51 -5.68 27.11 -10.49
N ALA D 52 -4.77 27.48 -11.37
CA ALA D 52 -3.34 27.39 -11.08
C ALA D 52 -2.94 28.30 -9.91
N LEU D 53 -3.50 29.51 -9.88
CA LEU D 53 -3.18 30.44 -8.80
C LEU D 53 -3.71 29.94 -7.47
N ALA D 54 -4.94 29.43 -7.47
CA ALA D 54 -5.57 28.93 -6.27
C ALA D 54 -4.85 27.72 -5.68
N SER D 55 -4.47 26.78 -6.54
CA SER D 55 -3.79 25.58 -6.08
C SER D 55 -2.38 25.85 -5.59
N ASN D 56 -1.71 26.82 -6.20
CA ASN D 56 -0.33 27.07 -5.74
C ASN D 56 -0.26 27.91 -4.47
N THR D 57 -1.40 28.36 -3.94
CA THR D 57 -1.39 29.06 -2.65
C THR D 57 -1.08 28.00 -1.59
N ARG D 58 -1.28 26.74 -1.93
CA ARG D 58 -1.02 25.63 -1.03
C ARG D 58 0.38 25.06 -1.25
N GLY D 59 1.11 25.63 -2.20
CA GLY D 59 2.45 25.16 -2.50
C GLY D 59 2.55 24.71 -3.94
N PRO D 60 3.75 24.33 -4.42
CA PRO D 60 3.91 23.88 -5.81
C PRO D 60 3.01 22.70 -6.16
N ALA D 61 2.36 22.79 -7.31
CA ALA D 61 1.46 21.74 -7.77
C ALA D 61 1.39 21.72 -9.29
N VAL D 62 1.17 20.55 -9.86
CA VAL D 62 1.05 20.38 -11.30
C VAL D 62 -0.33 19.84 -11.66
N ALA D 63 -0.93 20.40 -12.71
CA ALA D 63 -2.25 19.99 -13.14
C ALA D 63 -2.24 18.56 -13.69
N LEU D 64 -3.29 17.80 -13.37
CA LEU D 64 -3.42 16.43 -13.83
C LEU D 64 -4.59 16.29 -14.80
N SER D 65 -5.80 16.56 -14.32
CA SER D 65 -7.00 16.45 -15.13
C SER D 65 -7.94 17.61 -14.92
N CYS D 66 -8.42 18.19 -16.02
CA CYS D 66 -9.33 19.32 -15.96
C CYS D 66 -10.53 19.09 -16.87
N ARG D 67 -11.70 19.51 -16.42
CA ARG D 67 -12.91 19.38 -17.20
C ARG D 67 -13.48 20.77 -17.40
N MET D 68 -14.04 21.02 -18.58
CA MET D 68 -14.63 22.32 -18.87
C MET D 68 -16.02 22.12 -19.49
N ASP D 69 -17.05 22.63 -18.82
CA ASP D 69 -18.40 22.51 -19.35
C ASP D 69 -18.84 23.91 -19.80
N TYR D 70 -19.21 24.03 -21.07
CA TYR D 70 -19.62 25.31 -21.66
C TYR D 70 -21.14 25.46 -21.66
N PHE D 71 -21.63 26.59 -21.17
CA PHE D 71 -23.07 26.83 -21.10
C PHE D 71 -23.59 27.94 -22.01
N ARG D 72 -22.84 29.04 -22.10
CA ARG D 72 -23.28 30.17 -22.91
C ARG D 72 -22.14 30.77 -23.73
N PRO D 73 -22.44 31.25 -24.94
CA PRO D 73 -21.42 31.86 -25.79
C PRO D 73 -21.27 33.33 -25.41
N LEU D 74 -20.12 33.91 -25.71
CA LEU D 74 -19.85 35.31 -25.40
C LEU D 74 -19.30 36.04 -26.61
N GLY D 75 -19.60 37.33 -26.71
CA GLY D 75 -19.12 38.12 -27.84
C GLY D 75 -17.97 39.02 -27.41
N ALA D 76 -17.31 39.62 -28.38
CA ALA D 76 -16.19 40.52 -28.10
C ALA D 76 -16.68 41.66 -27.20
N GLY D 77 -15.85 42.04 -26.23
CA GLY D 77 -16.23 43.12 -25.32
C GLY D 77 -16.75 42.62 -23.98
N ALA D 78 -17.14 41.36 -23.92
CA ALA D 78 -17.66 40.79 -22.68
C ALA D 78 -16.61 40.73 -21.57
N ARG D 79 -16.98 41.20 -20.39
CA ARG D 79 -16.11 41.17 -19.22
C ARG D 79 -16.36 39.81 -18.57
N VAL D 80 -15.30 39.05 -18.36
CA VAL D 80 -15.44 37.73 -17.78
C VAL D 80 -14.56 37.54 -16.54
N GLU D 81 -15.01 36.66 -15.65
CA GLU D 81 -14.29 36.35 -14.43
C GLU D 81 -14.23 34.85 -14.18
N ALA D 82 -13.12 34.40 -13.62
CA ALA D 82 -12.92 33.00 -13.28
C ALA D 82 -12.77 33.00 -11.77
N ARG D 83 -13.72 32.37 -11.08
CA ARG D 83 -13.71 32.32 -9.63
C ARG D 83 -13.47 30.90 -9.16
N ALA D 84 -12.26 30.66 -8.65
CA ALA D 84 -11.89 29.32 -8.19
C ALA D 84 -11.97 29.14 -6.68
N VAL D 85 -12.52 28.01 -6.26
CA VAL D 85 -12.62 27.67 -4.85
C VAL D 85 -12.17 26.22 -4.68
N GLU D 86 -11.56 25.94 -3.55
CA GLU D 86 -11.07 24.60 -3.24
C GLU D 86 -12.20 23.70 -2.80
N VAL D 87 -12.31 22.52 -3.38
CA VAL D 87 -13.36 21.58 -3.00
C VAL D 87 -12.77 20.42 -2.19
N ASN D 88 -11.49 20.13 -2.42
CA ASN D 88 -10.80 19.07 -1.68
C ASN D 88 -9.32 19.35 -1.56
N LEU D 89 -8.76 18.98 -0.42
CA LEU D 89 -7.34 19.17 -0.18
C LEU D 89 -6.79 17.97 0.56
N SER D 90 -5.82 17.29 -0.06
CA SER D 90 -5.19 16.14 0.55
C SER D 90 -3.69 16.34 0.49
N ARG D 91 -2.95 15.42 1.12
CA ARG D 91 -1.51 15.48 1.16
C ARG D 91 -0.87 15.66 -0.21
N ARG D 92 -1.25 14.81 -1.16
CA ARG D 92 -0.66 14.86 -2.48
C ARG D 92 -1.52 15.29 -3.66
N THR D 93 -2.76 15.72 -3.39
CA THR D 93 -3.65 16.18 -4.45
C THR D 93 -4.59 17.25 -3.95
N ALA D 94 -5.25 17.94 -4.89
CA ALA D 94 -6.21 18.99 -4.56
C ALA D 94 -7.11 19.18 -5.76
N THR D 95 -8.38 19.45 -5.52
CA THR D 95 -9.34 19.64 -6.59
C THR D 95 -10.02 20.99 -6.41
N TYR D 96 -10.26 21.69 -7.52
CA TYR D 96 -10.89 23.01 -7.47
C TYR D 96 -12.05 23.18 -8.45
N ARG D 97 -13.04 23.96 -8.04
CA ARG D 97 -14.18 24.26 -8.90
C ARG D 97 -14.01 25.71 -9.32
N VAL D 98 -14.05 25.96 -10.63
CA VAL D 98 -13.90 27.30 -11.13
C VAL D 98 -15.09 27.71 -11.98
N GLU D 99 -15.83 28.70 -11.50
CA GLU D 99 -16.99 29.19 -12.23
C GLU D 99 -16.55 30.35 -13.12
N VAL D 100 -16.94 30.31 -14.37
CA VAL D 100 -16.62 31.37 -15.32
C VAL D 100 -17.91 32.15 -15.50
N VAL D 101 -17.90 33.41 -15.07
CA VAL D 101 -19.10 34.23 -15.15
C VAL D 101 -18.89 35.52 -15.92
N SER D 102 -19.96 35.99 -16.56
CA SER D 102 -19.92 37.23 -17.33
C SER D 102 -21.29 37.87 -17.25
N GLU D 103 -21.31 39.13 -16.83
CA GLU D 103 -22.54 39.90 -16.69
C GLU D 103 -23.65 39.13 -15.98
N GLY D 104 -23.32 38.56 -14.83
CA GLY D 104 -24.30 37.82 -14.05
C GLY D 104 -24.73 36.46 -14.56
N LYS D 105 -24.06 35.92 -15.58
CA LYS D 105 -24.42 34.61 -16.12
C LYS D 105 -23.30 33.59 -15.96
N LEU D 106 -23.67 32.34 -15.67
CA LEU D 106 -22.68 31.28 -15.54
C LEU D 106 -22.41 30.84 -16.97
N VAL D 107 -21.25 31.22 -17.49
CA VAL D 107 -20.87 30.90 -18.86
C VAL D 107 -20.28 29.50 -18.99
N ALA D 108 -19.53 29.09 -17.97
CA ALA D 108 -18.90 27.78 -18.00
C ALA D 108 -18.49 27.32 -16.60
N LEU D 109 -18.29 26.01 -16.46
CA LEU D 109 -17.87 25.41 -15.21
C LEU D 109 -16.62 24.59 -15.45
N PHE D 110 -15.58 24.87 -14.67
CA PHE D 110 -14.30 24.19 -14.77
C PHE D 110 -14.05 23.39 -13.50
N THR D 111 -13.59 22.16 -13.68
CA THR D 111 -13.27 21.28 -12.55
C THR D 111 -11.87 20.77 -12.83
N GLY D 112 -10.98 20.88 -11.85
CA GLY D 112 -9.62 20.43 -12.08
C GLY D 112 -8.92 19.89 -10.85
N THR D 113 -7.99 18.97 -11.09
CA THR D 113 -7.25 18.35 -10.00
C THR D 113 -5.75 18.43 -10.29
N VAL D 114 -4.99 18.80 -9.26
CA VAL D 114 -3.55 18.90 -9.37
C VAL D 114 -2.90 17.84 -8.50
N PHE D 115 -1.61 17.69 -8.68
CA PHE D 115 -0.82 16.77 -7.88
C PHE D 115 0.10 17.72 -7.12
N ARG D 116 0.11 17.62 -5.79
CA ARG D 116 0.93 18.51 -4.98
C ARG D 116 2.35 17.96 -4.83
N LEU D 117 3.32 18.79 -5.22
CA LEU D 117 4.72 18.39 -5.15
C LEU D 117 5.33 18.67 -3.79
N ASP E 3 37.31 -21.00 28.94
CA ASP E 3 35.89 -20.68 29.29
C ASP E 3 35.46 -21.51 30.50
N PRO E 4 35.38 -20.87 31.67
CA PRO E 4 34.99 -21.54 32.92
C PRO E 4 33.70 -22.36 32.84
N PHE E 5 32.64 -21.76 32.32
CA PHE E 5 31.35 -22.43 32.22
C PHE E 5 31.42 -23.67 31.31
N MET E 6 32.11 -23.54 30.18
CA MET E 6 32.25 -24.67 29.27
C MET E 6 32.86 -25.85 30.01
N GLU E 7 33.88 -25.55 30.80
CA GLU E 7 34.57 -26.58 31.58
C GLU E 7 33.67 -27.23 32.62
N ALA E 8 32.84 -26.42 33.26
CA ALA E 8 31.92 -26.92 34.29
C ALA E 8 30.89 -27.87 33.66
N LEU E 9 30.46 -27.54 32.44
CA LEU E 9 29.50 -28.37 31.73
C LEU E 9 30.13 -29.63 31.13
N GLY E 10 31.46 -29.69 31.16
CA GLY E 10 32.16 -30.84 30.62
C GLY E 10 32.27 -30.82 29.10
N LEU E 11 32.14 -29.64 28.51
CA LEU E 11 32.22 -29.49 27.05
C LEU E 11 33.66 -29.50 26.53
N LYS E 12 33.85 -30.07 25.34
CA LYS E 12 35.17 -30.15 24.71
C LYS E 12 35.14 -29.52 23.33
N VAL E 13 36.23 -28.86 22.94
CA VAL E 13 36.31 -28.23 21.62
C VAL E 13 36.90 -29.26 20.65
N LEU E 14 36.13 -29.62 19.64
CA LEU E 14 36.60 -30.60 18.67
C LEU E 14 37.19 -29.96 17.41
N HIS E 15 36.75 -28.75 17.11
CA HIS E 15 37.24 -28.07 15.92
C HIS E 15 37.09 -26.56 16.04
N LEU E 16 38.07 -25.83 15.53
CA LEU E 16 38.06 -24.38 15.58
C LEU E 16 38.80 -23.84 14.35
N ALA E 17 38.13 -22.94 13.63
CA ALA E 17 38.70 -22.34 12.43
C ALA E 17 38.04 -21.00 12.21
N PRO E 18 38.55 -20.20 11.26
CA PRO E 18 37.94 -18.88 11.02
C PRO E 18 36.43 -18.99 10.78
N GLY E 19 35.66 -18.33 11.65
CA GLY E 19 34.21 -18.32 11.53
C GLY E 19 33.47 -19.62 11.79
N GLU E 20 34.09 -20.58 12.46
CA GLU E 20 33.43 -21.85 12.73
C GLU E 20 34.02 -22.61 13.90
N ALA E 21 33.20 -23.45 14.51
CA ALA E 21 33.64 -24.23 15.66
C ALA E 21 32.71 -25.41 15.94
N VAL E 22 33.27 -26.44 16.55
CA VAL E 22 32.49 -27.61 16.92
C VAL E 22 32.80 -27.89 18.39
N VAL E 23 31.75 -27.96 19.20
CA VAL E 23 31.88 -28.23 20.62
C VAL E 23 31.08 -29.49 20.90
N ALA E 24 31.63 -30.38 21.71
CA ALA E 24 30.97 -31.63 22.04
C ALA E 24 30.80 -31.77 23.54
N GLY E 25 29.78 -32.51 23.93
CA GLY E 25 29.53 -32.72 25.34
C GLY E 25 28.69 -33.96 25.52
N GLU E 26 28.46 -34.33 26.76
CA GLU E 26 27.64 -35.49 27.07
C GLU E 26 26.55 -35.03 28.02
N VAL E 27 25.35 -35.58 27.86
CA VAL E 27 24.26 -35.20 28.74
C VAL E 27 24.39 -35.95 30.06
N ARG E 28 24.94 -35.28 31.07
CA ARG E 28 25.11 -35.90 32.38
C ARG E 28 23.84 -35.80 33.19
N ALA E 29 23.79 -36.51 34.31
CA ALA E 29 22.63 -36.51 35.20
C ALA E 29 22.31 -35.10 35.68
N ASP E 30 23.35 -34.28 35.87
CA ASP E 30 23.16 -32.91 36.34
C ASP E 30 22.73 -31.95 35.23
N HIS E 31 22.52 -32.48 34.03
CA HIS E 31 22.10 -31.67 32.89
C HIS E 31 20.63 -31.89 32.56
N LEU E 32 19.96 -32.74 33.33
CA LEU E 32 18.56 -33.05 33.10
C LEU E 32 17.57 -32.07 33.72
N ASN E 33 16.37 -32.02 33.17
CA ASN E 33 15.31 -31.15 33.68
C ASN E 33 14.36 -31.98 34.56
N LEU E 34 13.27 -31.37 35.00
CA LEU E 34 12.29 -32.05 35.85
C LEU E 34 11.64 -33.23 35.14
N HIS E 35 11.75 -33.27 33.82
CA HIS E 35 11.15 -34.34 33.03
C HIS E 35 12.09 -35.51 32.75
N GLY E 36 13.34 -35.39 33.18
CA GLY E 36 14.30 -36.45 32.95
C GLY E 36 14.98 -36.40 31.59
N THR E 37 14.85 -35.28 30.89
CA THR E 37 15.48 -35.11 29.58
C THR E 37 16.47 -33.94 29.66
N ALA E 38 17.36 -33.85 28.69
CA ALA E 38 18.35 -32.77 28.67
C ALA E 38 17.64 -31.44 28.87
N HIS E 39 18.15 -30.65 29.81
CA HIS E 39 17.57 -29.34 30.11
C HIS E 39 17.75 -28.41 28.90
N GLY E 40 16.72 -27.63 28.60
CA GLY E 40 16.79 -26.71 27.48
C GLY E 40 17.98 -25.77 27.62
N GLY E 41 18.32 -25.43 28.86
CA GLY E 41 19.44 -24.54 29.10
C GLY E 41 20.79 -25.16 28.79
N PHE E 42 20.91 -26.48 28.96
CA PHE E 42 22.17 -27.14 28.69
C PHE E 42 22.40 -27.17 27.18
N LEU E 43 21.38 -27.59 26.44
CA LEU E 43 21.46 -27.64 24.99
C LEU E 43 21.80 -26.25 24.46
N TYR E 44 21.20 -25.22 25.04
CA TYR E 44 21.47 -23.86 24.60
C TYR E 44 22.90 -23.45 24.95
N ALA E 45 23.35 -23.77 26.16
CA ALA E 45 24.70 -23.42 26.57
C ALA E 45 25.73 -24.02 25.61
N LEU E 46 25.50 -25.27 25.20
CA LEU E 46 26.39 -25.95 24.27
C LEU E 46 26.46 -25.19 22.94
N ALA E 47 25.29 -24.92 22.36
CA ALA E 47 25.23 -24.19 21.10
C ALA E 47 25.86 -22.80 21.27
N ASP E 48 25.47 -22.13 22.35
CA ASP E 48 25.98 -20.79 22.63
C ASP E 48 27.50 -20.76 22.71
N SER E 49 28.10 -21.83 23.25
CA SER E 49 29.55 -21.92 23.36
C SER E 49 30.20 -21.98 21.98
N ALA E 50 29.68 -22.87 21.12
CA ALA E 50 30.20 -23.02 19.76
C ALA E 50 30.05 -21.68 19.06
N PHE E 51 28.92 -21.04 19.30
CA PHE E 51 28.60 -19.73 18.74
C PHE E 51 29.66 -18.72 19.19
N ALA E 52 29.94 -18.71 20.49
CA ALA E 52 30.95 -17.81 21.07
C ALA E 52 32.34 -18.02 20.46
N LEU E 53 32.78 -19.27 20.39
CA LEU E 53 34.09 -19.58 19.85
C LEU E 53 34.20 -19.21 18.37
N ALA E 54 33.20 -19.56 17.59
CA ALA E 54 33.20 -19.27 16.16
C ALA E 54 33.23 -17.77 15.87
N SER E 55 32.39 -17.02 16.58
CA SER E 55 32.33 -15.59 16.36
C SER E 55 33.59 -14.86 16.81
N ASN E 56 34.20 -15.34 17.89
CA ASN E 56 35.40 -14.71 18.40
C ASN E 56 36.70 -15.04 17.64
N THR E 57 36.61 -15.90 16.63
CA THR E 57 37.78 -16.22 15.83
C THR E 57 38.01 -15.02 14.90
N ARG E 58 36.99 -14.17 14.79
CA ARG E 58 37.05 -12.98 13.94
C ARG E 58 37.48 -11.78 14.76
N GLY E 59 37.67 -12.00 16.07
CA GLY E 59 38.06 -10.91 16.96
C GLY E 59 37.02 -10.80 18.06
N PRO E 60 37.27 -9.98 19.09
CA PRO E 60 36.32 -9.83 20.19
C PRO E 60 34.89 -9.53 19.75
N ALA E 61 33.94 -10.36 20.19
CA ALA E 61 32.54 -10.19 19.84
C ALA E 61 31.62 -10.68 20.97
N VAL E 62 30.50 -9.97 21.18
CA VAL E 62 29.55 -10.34 22.22
C VAL E 62 28.15 -10.59 21.68
N ALA E 63 27.46 -11.57 22.26
CA ALA E 63 26.12 -11.93 21.83
C ALA E 63 25.10 -10.80 21.98
N LEU E 64 24.27 -10.64 20.97
CA LEU E 64 23.23 -9.61 20.97
C LEU E 64 21.86 -10.29 21.05
N SER E 65 21.58 -11.13 20.05
CA SER E 65 20.31 -11.83 19.97
C SER E 65 20.49 -13.27 19.51
N CYS E 66 19.93 -14.20 20.27
CA CYS E 66 20.04 -15.61 19.94
C CYS E 66 18.67 -16.27 19.98
N ARG E 67 18.47 -17.22 19.06
CA ARG E 67 17.23 -17.96 18.98
C ARG E 67 17.55 -19.45 19.07
N MET E 68 16.68 -20.20 19.74
CA MET E 68 16.86 -21.63 19.90
C MET E 68 15.57 -22.37 19.57
N ASP E 69 15.64 -23.25 18.58
CA ASP E 69 14.49 -24.05 18.16
C ASP E 69 14.75 -25.53 18.50
N TYR E 70 13.92 -26.09 19.38
CA TYR E 70 14.04 -27.47 19.84
C TYR E 70 13.21 -28.47 19.02
N PHE E 71 13.85 -29.51 18.51
CA PHE E 71 13.14 -30.51 17.72
C PHE E 71 12.98 -31.86 18.41
N ARG E 72 14.00 -32.27 19.17
CA ARG E 72 13.96 -33.57 19.85
C ARG E 72 14.51 -33.54 21.27
N PRO E 73 13.99 -34.43 22.14
CA PRO E 73 14.48 -34.47 23.51
C PRO E 73 15.63 -35.49 23.57
N LEU E 74 16.54 -35.31 24.52
CA LEU E 74 17.67 -36.22 24.68
C LEU E 74 17.71 -36.76 26.10
N GLY E 75 18.07 -38.03 26.23
CA GLY E 75 18.15 -38.64 27.55
C GLY E 75 19.55 -38.59 28.10
N ALA E 76 19.70 -38.91 29.38
CA ALA E 76 21.02 -38.89 30.02
C ALA E 76 21.96 -39.86 29.33
N GLY E 77 23.21 -39.43 29.15
CA GLY E 77 24.20 -40.27 28.50
C GLY E 77 24.35 -39.97 27.02
N ALA E 78 23.41 -39.22 26.45
CA ALA E 78 23.50 -38.90 25.04
C ALA E 78 24.71 -38.03 24.71
N ARG E 79 25.40 -38.38 23.63
CA ARG E 79 26.55 -37.61 23.16
C ARG E 79 25.99 -36.57 22.21
N VAL E 80 26.45 -35.33 22.33
CA VAL E 80 25.93 -34.28 21.47
C VAL E 80 27.01 -33.29 21.05
N GLU E 81 26.83 -32.70 19.86
CA GLU E 81 27.79 -31.72 19.35
C GLU E 81 27.03 -30.51 18.86
N ALA E 82 27.68 -29.36 18.90
CA ALA E 82 27.12 -28.12 18.40
C ALA E 82 28.05 -27.72 17.26
N ARG E 83 27.51 -27.64 16.05
CA ARG E 83 28.31 -27.28 14.89
C ARG E 83 27.94 -25.87 14.43
N ALA E 84 28.86 -24.94 14.64
CA ALA E 84 28.63 -23.54 14.29
C ALA E 84 29.29 -23.11 12.98
N VAL E 85 28.51 -22.41 12.16
CA VAL E 85 29.00 -21.90 10.88
C VAL E 85 28.51 -20.46 10.72
N GLU E 86 29.38 -19.64 10.13
CA GLU E 86 29.08 -18.24 9.89
C GLU E 86 28.15 -18.08 8.70
N VAL E 87 27.12 -17.24 8.83
CA VAL E 87 26.19 -17.03 7.72
C VAL E 87 26.37 -15.63 7.16
N ASN E 88 26.84 -14.70 8.00
CA ASN E 88 27.07 -13.33 7.58
C ASN E 88 28.15 -12.67 8.44
N LEU E 89 29.05 -11.95 7.79
CA LEU E 89 30.10 -11.24 8.49
C LEU E 89 30.08 -9.80 8.03
N SER E 90 29.82 -8.90 8.97
CA SER E 90 29.78 -7.48 8.67
C SER E 90 30.82 -6.76 9.52
N ARG E 91 30.96 -5.47 9.30
CA ARG E 91 31.88 -4.61 10.02
C ARG E 91 31.67 -4.69 11.53
N ARG E 92 30.45 -4.40 11.96
CA ARG E 92 30.15 -4.38 13.39
C ARG E 92 29.32 -5.53 13.94
N THR E 93 28.90 -6.45 13.08
CA THR E 93 28.09 -7.58 13.53
C THR E 93 28.32 -8.84 12.70
N ALA E 94 27.81 -9.97 13.19
CA ALA E 94 27.94 -11.24 12.49
C ALA E 94 26.85 -12.18 12.96
N THR E 95 26.45 -13.11 12.09
CA THR E 95 25.38 -14.05 12.43
C THR E 95 25.86 -15.47 12.19
N TYR E 96 25.48 -16.37 13.09
CA TYR E 96 25.88 -17.77 13.01
C TYR E 96 24.73 -18.75 13.16
N ARG E 97 24.86 -19.89 12.50
CA ARG E 97 23.87 -20.96 12.59
C ARG E 97 24.56 -22.12 13.28
N VAL E 98 23.96 -22.63 14.35
CA VAL E 98 24.55 -23.73 15.08
C VAL E 98 23.58 -24.89 15.16
N GLU E 99 23.99 -26.02 14.58
CA GLU E 99 23.19 -27.22 14.59
C GLU E 99 23.60 -28.08 15.78
N VAL E 100 22.63 -28.47 16.60
CA VAL E 100 22.90 -29.30 17.75
C VAL E 100 22.49 -30.70 17.33
N VAL E 101 23.47 -31.58 17.20
CA VAL E 101 23.21 -32.94 16.77
C VAL E 101 23.63 -34.00 17.77
N SER E 102 22.97 -35.15 17.71
CA SER E 102 23.25 -36.26 18.58
C SER E 102 22.87 -37.54 17.85
N GLU E 103 23.84 -38.45 17.76
CA GLU E 103 23.65 -39.73 17.09
C GLU E 103 22.95 -39.62 15.74
N GLY E 104 23.42 -38.70 14.91
CA GLY E 104 22.87 -38.53 13.58
C GLY E 104 21.58 -37.77 13.39
N LYS E 105 21.05 -37.16 14.45
CA LYS E 105 19.82 -36.40 14.29
C LYS E 105 19.95 -34.96 14.76
N LEU E 106 19.20 -34.07 14.10
CA LEU E 106 19.23 -32.65 14.45
C LEU E 106 18.33 -32.46 15.69
N VAL E 107 18.97 -32.21 16.82
CA VAL E 107 18.28 -32.03 18.09
C VAL E 107 17.68 -30.63 18.20
N ALA E 108 18.42 -29.63 17.74
CA ALA E 108 17.96 -28.25 17.80
C ALA E 108 18.75 -27.36 16.85
N LEU E 109 18.18 -26.19 16.56
CA LEU E 109 18.82 -25.23 15.69
C LEU E 109 18.96 -23.93 16.46
N PHE E 110 20.16 -23.39 16.46
CA PHE E 110 20.46 -22.15 17.15
C PHE E 110 20.91 -21.12 16.11
N THR E 111 20.39 -19.91 16.24
CA THR E 111 20.72 -18.82 15.33
C THR E 111 21.08 -17.62 16.19
N GLY E 112 22.26 -17.06 15.99
CA GLY E 112 22.65 -15.93 16.81
C GLY E 112 23.44 -14.84 16.10
N THR E 113 23.34 -13.64 16.64
CA THR E 113 24.04 -12.48 16.08
C THR E 113 24.88 -11.81 17.16
N VAL E 114 26.13 -11.53 16.84
CA VAL E 114 27.04 -10.88 17.78
C VAL E 114 27.29 -9.45 17.37
N PHE E 115 27.83 -8.68 18.31
CA PHE E 115 28.21 -7.29 18.07
C PHE E 115 29.74 -7.33 18.14
N ARG E 116 30.39 -7.05 17.01
CA ARG E 116 31.85 -7.10 16.94
C ARG E 116 32.53 -5.86 17.53
N LEU E 117 33.34 -6.08 18.57
CA LEU E 117 34.05 -5.00 19.22
C LEU E 117 35.39 -4.72 18.53
N ARG F 2 -3.90 -17.72 -5.11
CA ARG F 2 -4.70 -18.10 -3.92
C ARG F 2 -4.26 -17.30 -2.69
N ASP F 3 -3.29 -16.40 -2.89
CA ASP F 3 -2.78 -15.57 -1.81
C ASP F 3 -2.80 -14.10 -2.24
N PRO F 4 -3.82 -13.35 -1.81
CA PRO F 4 -4.01 -11.93 -2.13
C PRO F 4 -2.83 -11.01 -1.79
N PHE F 5 -2.22 -11.20 -0.63
CA PHE F 5 -1.10 -10.35 -0.25
C PHE F 5 0.09 -10.54 -1.18
N MET F 6 0.43 -11.79 -1.48
CA MET F 6 1.54 -12.06 -2.38
C MET F 6 1.26 -11.35 -3.70
N GLU F 7 0.02 -11.47 -4.16
CA GLU F 7 -0.40 -10.86 -5.42
C GLU F 7 -0.26 -9.33 -5.37
N ALA F 8 -0.72 -8.71 -4.28
CA ALA F 8 -0.62 -7.26 -4.15
C ALA F 8 0.85 -6.82 -4.11
N LEU F 9 1.72 -7.66 -3.54
CA LEU F 9 3.13 -7.33 -3.46
C LEU F 9 3.85 -7.63 -4.78
N GLY F 10 3.15 -8.29 -5.70
CA GLY F 10 3.73 -8.64 -6.98
C GLY F 10 4.75 -9.75 -6.86
N LEU F 11 4.56 -10.64 -5.90
CA LEU F 11 5.48 -11.75 -5.70
C LEU F 11 5.11 -12.92 -6.61
N LYS F 12 6.12 -13.67 -7.05
CA LYS F 12 5.90 -14.78 -7.95
C LYS F 12 6.55 -16.07 -7.46
N VAL F 13 5.80 -17.18 -7.55
CA VAL F 13 6.31 -18.49 -7.15
C VAL F 13 7.10 -19.05 -8.33
N LEU F 14 8.36 -19.35 -8.11
CA LEU F 14 9.23 -19.87 -9.16
C LEU F 14 9.43 -21.37 -9.07
N HIS F 15 9.31 -21.90 -7.85
CA HIS F 15 9.52 -23.31 -7.62
C HIS F 15 8.77 -23.77 -6.39
N LEU F 16 8.15 -24.94 -6.50
CA LEU F 16 7.39 -25.51 -5.40
C LEU F 16 7.49 -27.03 -5.45
N ALA F 17 8.01 -27.60 -4.37
CA ALA F 17 8.18 -29.05 -4.26
C ALA F 17 7.96 -29.45 -2.80
N PRO F 18 7.89 -30.75 -2.51
CA PRO F 18 7.68 -31.18 -1.13
C PRO F 18 8.68 -30.56 -0.15
N GLY F 19 8.16 -29.81 0.82
CA GLY F 19 9.00 -29.18 1.81
C GLY F 19 9.89 -28.04 1.36
N GLU F 20 9.66 -27.52 0.15
CA GLU F 20 10.49 -26.42 -0.34
C GLU F 20 9.74 -25.46 -1.25
N ALA F 21 10.22 -24.23 -1.34
CA ALA F 21 9.59 -23.23 -2.19
C ALA F 21 10.53 -22.06 -2.47
N VAL F 22 10.37 -21.46 -3.64
CA VAL F 22 11.17 -20.31 -4.03
C VAL F 22 10.23 -19.26 -4.58
N VAL F 23 10.24 -18.09 -3.96
CA VAL F 23 9.39 -16.96 -4.33
C VAL F 23 10.31 -15.81 -4.76
N ALA F 24 9.90 -15.08 -5.79
CA ALA F 24 10.70 -13.96 -6.28
C ALA F 24 9.90 -12.68 -6.39
N GLY F 25 10.59 -11.55 -6.35
CA GLY F 25 9.93 -10.28 -6.45
C GLY F 25 10.94 -9.21 -6.80
N GLU F 26 10.46 -7.97 -6.84
CA GLU F 26 11.32 -6.85 -7.17
C GLU F 26 10.94 -5.72 -6.23
N VAL F 27 11.93 -4.94 -5.83
CA VAL F 27 11.71 -3.82 -4.92
C VAL F 27 11.14 -2.62 -5.68
N ARG F 28 9.82 -2.54 -5.76
CA ARG F 28 9.17 -1.44 -6.45
C ARG F 28 9.22 -0.20 -5.56
N ALA F 29 8.83 0.94 -6.10
CA ALA F 29 8.84 2.18 -5.35
C ALA F 29 7.96 2.08 -4.10
N ASP F 30 6.85 1.36 -4.19
CA ASP F 30 5.93 1.22 -3.06
C ASP F 30 6.44 0.29 -1.96
N HIS F 31 7.64 -0.27 -2.13
CA HIS F 31 8.21 -1.19 -1.17
C HIS F 31 9.32 -0.54 -0.36
N LEU F 32 9.60 0.72 -0.65
CA LEU F 32 10.65 1.45 0.04
C LEU F 32 10.21 1.97 1.40
N ASN F 33 11.16 2.13 2.30
CA ASN F 33 10.88 2.67 3.63
C ASN F 33 11.22 4.16 3.64
N LEU F 34 11.22 4.77 4.81
CA LEU F 34 11.53 6.19 4.92
C LEU F 34 13.00 6.49 4.62
N HIS F 35 13.82 5.46 4.57
CA HIS F 35 15.24 5.62 4.28
C HIS F 35 15.57 5.50 2.80
N GLY F 36 14.61 5.03 2.00
CA GLY F 36 14.85 4.89 0.58
C GLY F 36 15.36 3.51 0.18
N THR F 37 15.34 2.59 1.13
CA THR F 37 15.78 1.22 0.87
C THR F 37 14.58 0.30 1.06
N ALA F 38 14.70 -0.97 0.68
CA ALA F 38 13.61 -1.92 0.80
C ALA F 38 13.11 -1.99 2.24
N HIS F 39 11.80 -1.85 2.41
CA HIS F 39 11.20 -1.89 3.73
C HIS F 39 11.40 -3.26 4.37
N GLY F 40 11.84 -3.26 5.63
CA GLY F 40 12.05 -4.51 6.33
C GLY F 40 10.82 -5.40 6.27
N GLY F 41 9.64 -4.79 6.25
CA GLY F 41 8.41 -5.53 6.20
C GLY F 41 8.18 -6.21 4.85
N PHE F 42 8.76 -5.64 3.79
CA PHE F 42 8.62 -6.21 2.47
C PHE F 42 9.51 -7.45 2.33
N LEU F 43 10.73 -7.35 2.84
CA LEU F 43 11.66 -8.46 2.77
C LEU F 43 11.13 -9.62 3.60
N TYR F 44 10.53 -9.29 4.75
CA TYR F 44 9.96 -10.31 5.61
C TYR F 44 8.77 -10.96 4.94
N ALA F 45 7.89 -10.14 4.35
CA ALA F 45 6.70 -10.67 3.67
C ALA F 45 7.10 -11.69 2.60
N LEU F 46 8.15 -11.35 1.84
CA LEU F 46 8.66 -12.22 0.80
C LEU F 46 9.13 -13.55 1.39
N ALA F 47 9.99 -13.48 2.39
CA ALA F 47 10.53 -14.67 3.05
C ALA F 47 9.39 -15.48 3.69
N ASP F 48 8.45 -14.77 4.29
CA ASP F 48 7.31 -15.39 4.95
C ASP F 48 6.41 -16.12 3.96
N SER F 49 6.28 -15.58 2.76
CA SER F 49 5.44 -16.22 1.76
C SER F 49 6.05 -17.54 1.30
N ALA F 50 7.37 -17.59 1.14
CA ALA F 50 8.05 -18.82 0.73
C ALA F 50 7.92 -19.85 1.85
N PHE F 51 7.92 -19.33 3.07
CA PHE F 51 7.79 -20.11 4.29
C PHE F 51 6.40 -20.75 4.29
N ALA F 52 5.40 -19.94 3.98
CA ALA F 52 4.00 -20.37 3.93
C ALA F 52 3.80 -21.50 2.92
N LEU F 53 4.24 -21.27 1.69
CA LEU F 53 4.10 -22.26 0.63
C LEU F 53 4.86 -23.56 0.91
N ALA F 54 6.10 -23.44 1.37
CA ALA F 54 6.90 -24.64 1.64
C ALA F 54 6.29 -25.50 2.74
N SER F 55 5.86 -24.86 3.84
CA SER F 55 5.29 -25.61 4.94
C SER F 55 3.94 -26.24 4.58
N ASN F 56 3.14 -25.53 3.79
CA ASN F 56 1.83 -26.06 3.43
C ASN F 56 1.85 -27.20 2.43
N THR F 57 3.01 -27.50 1.85
CA THR F 57 3.10 -28.63 0.91
C THR F 57 3.03 -29.92 1.74
N ARG F 58 3.13 -29.77 3.07
CA ARG F 58 3.07 -30.92 3.97
C ARG F 58 1.68 -31.02 4.60
N GLY F 59 0.81 -30.08 4.24
CA GLY F 59 -0.53 -30.06 4.79
C GLY F 59 -0.79 -28.69 5.39
N PRO F 60 -2.03 -28.39 5.78
CA PRO F 60 -2.32 -27.08 6.36
C PRO F 60 -1.49 -26.82 7.61
N ALA F 61 -0.83 -25.66 7.64
CA ALA F 61 0.01 -25.28 8.77
C ALA F 61 -0.02 -23.77 8.96
N VAL F 62 0.08 -23.34 10.22
CA VAL F 62 0.08 -21.90 10.53
C VAL F 62 1.33 -21.48 11.28
N ALA F 63 1.82 -20.28 10.96
CA ALA F 63 3.01 -19.73 11.58
C ALA F 63 2.84 -19.53 13.07
N LEU F 64 3.90 -19.83 13.81
CA LEU F 64 3.89 -19.68 15.25
C LEU F 64 4.92 -18.64 15.66
N SER F 65 6.16 -18.86 15.23
CA SER F 65 7.25 -17.95 15.57
C SER F 65 8.25 -17.82 14.42
N CYS F 66 8.64 -16.59 14.12
CA CYS F 66 9.57 -16.34 13.04
C CYS F 66 10.61 -15.30 13.42
N ARG F 67 11.82 -15.49 12.92
CA ARG F 67 12.92 -14.60 13.18
C ARG F 67 13.45 -14.08 11.85
N MET F 68 13.84 -12.83 11.82
CA MET F 68 14.36 -12.21 10.61
C MET F 68 15.64 -11.46 10.92
N ASP F 69 16.74 -11.89 10.31
CA ASP F 69 18.03 -11.25 10.50
C ASP F 69 18.42 -10.51 9.22
N TYR F 70 18.59 -9.20 9.34
CA TYR F 70 18.93 -8.34 8.20
C TYR F 70 20.44 -8.11 8.08
N PHE F 71 20.97 -8.35 6.89
CA PHE F 71 22.41 -8.19 6.66
C PHE F 71 22.76 -7.06 5.69
N ARG F 72 21.95 -6.89 4.64
CA ARG F 72 22.22 -5.88 3.63
C ARG F 72 20.98 -5.15 3.14
N PRO F 73 21.09 -3.84 2.89
CA PRO F 73 19.96 -3.05 2.40
C PRO F 73 19.82 -3.27 0.90
N LEU F 74 18.61 -3.03 0.37
CA LEU F 74 18.37 -3.18 -1.06
C LEU F 74 17.78 -1.88 -1.58
N GLY F 75 18.14 -1.53 -2.81
CA GLY F 75 17.62 -0.31 -3.40
C GLY F 75 16.46 -0.60 -4.31
N ALA F 76 15.74 0.45 -4.71
CA ALA F 76 14.60 0.30 -5.61
C ALA F 76 15.03 -0.38 -6.92
N GLY F 77 14.21 -1.31 -7.39
CA GLY F 77 14.52 -2.00 -8.64
C GLY F 77 15.25 -3.32 -8.48
N ALA F 78 15.75 -3.59 -7.28
CA ALA F 78 16.50 -4.83 -7.04
C ALA F 78 15.61 -6.06 -7.13
N ARG F 79 16.09 -7.10 -7.81
CA ARG F 79 15.35 -8.35 -7.92
C ARG F 79 15.76 -9.16 -6.71
N VAL F 80 14.78 -9.66 -5.97
CA VAL F 80 15.07 -10.44 -4.78
C VAL F 80 14.32 -11.78 -4.80
N GLU F 81 14.88 -12.75 -4.10
CA GLU F 81 14.32 -14.09 -4.02
C GLU F 81 14.40 -14.66 -2.60
N ALA F 82 13.46 -15.55 -2.29
CA ALA F 82 13.43 -16.22 -0.98
C ALA F 82 13.37 -17.71 -1.23
N ARG F 83 14.40 -18.41 -0.76
CA ARG F 83 14.51 -19.86 -0.92
C ARG F 83 14.20 -20.52 0.40
N ALA F 84 13.08 -21.22 0.46
CA ALA F 84 12.68 -21.89 1.69
C ALA F 84 13.04 -23.37 1.66
N VAL F 85 13.67 -23.81 2.75
CA VAL F 85 14.08 -25.20 2.89
C VAL F 85 13.62 -25.71 4.26
N GLU F 86 13.22 -26.97 4.29
CA GLU F 86 12.74 -27.60 5.52
C GLU F 86 13.90 -28.10 6.39
N VAL F 87 13.96 -27.67 7.65
CA VAL F 87 15.03 -28.12 8.52
C VAL F 87 14.54 -29.23 9.44
N ASN F 88 13.27 -29.18 9.80
CA ASN F 88 12.69 -30.21 10.67
C ASN F 88 11.20 -30.39 10.43
N LEU F 89 10.76 -31.64 10.46
CA LEU F 89 9.35 -31.95 10.27
C LEU F 89 8.89 -32.92 11.33
N SER F 90 8.01 -32.45 12.21
CA SER F 90 7.47 -33.30 13.27
C SER F 90 5.98 -33.47 12.99
N ARG F 91 5.33 -34.31 13.78
CA ARG F 91 3.90 -34.55 13.61
C ARG F 91 3.06 -33.29 13.77
N ARG F 92 3.38 -32.47 14.78
CA ARG F 92 2.59 -31.26 15.03
C ARG F 92 3.27 -29.93 14.72
N THR F 93 4.55 -29.96 14.36
CA THR F 93 5.27 -28.74 14.06
C THR F 93 6.30 -28.95 12.95
N ALA F 94 6.80 -27.85 12.40
CA ALA F 94 7.81 -27.90 11.36
C ALA F 94 8.58 -26.59 11.34
N THR F 95 9.85 -26.65 11.00
CA THR F 95 10.69 -25.46 10.97
C THR F 95 11.39 -25.32 9.64
N TYR F 96 11.43 -24.08 9.13
CA TYR F 96 12.06 -23.81 7.84
C TYR F 96 13.09 -22.69 7.90
N ARG F 97 14.05 -22.76 6.99
CA ARG F 97 15.11 -21.77 6.86
C ARG F 97 14.86 -21.10 5.51
N VAL F 98 14.75 -19.78 5.50
CA VAL F 98 14.50 -19.06 4.26
C VAL F 98 15.56 -18.01 4.03
N GLU F 99 16.33 -18.15 2.97
CA GLU F 99 17.37 -17.19 2.66
C GLU F 99 16.86 -16.18 1.65
N VAL F 100 17.11 -14.90 1.92
CA VAL F 100 16.69 -13.84 1.03
C VAL F 100 17.95 -13.43 0.28
N VAL F 101 17.97 -13.73 -1.00
CA VAL F 101 19.13 -13.45 -1.83
C VAL F 101 18.83 -12.47 -2.97
N SER F 102 19.81 -11.63 -3.26
CA SER F 102 19.71 -10.65 -4.33
C SER F 102 21.08 -10.60 -5.01
N GLU F 103 21.10 -10.88 -6.31
CA GLU F 103 22.34 -10.87 -7.08
C GLU F 103 23.50 -11.59 -6.38
N GLY F 104 23.25 -12.80 -5.92
CA GLY F 104 24.29 -13.58 -5.26
C GLY F 104 24.59 -13.23 -3.81
N LYS F 105 24.04 -12.13 -3.30
CA LYS F 105 24.30 -11.72 -1.92
C LYS F 105 23.18 -12.15 -0.99
N LEU F 106 23.56 -12.60 0.21
CA LEU F 106 22.57 -13.01 1.22
C LEU F 106 22.11 -11.71 1.90
N VAL F 107 20.90 -11.29 1.58
CA VAL F 107 20.34 -10.04 2.12
C VAL F 107 19.74 -10.19 3.52
N ALA F 108 19.18 -11.35 3.81
CA ALA F 108 18.58 -11.61 5.11
C ALA F 108 18.36 -13.10 5.33
N LEU F 109 18.22 -13.49 6.59
CA LEU F 109 17.98 -14.88 6.94
C LEU F 109 16.70 -14.93 7.76
N PHE F 110 15.77 -15.75 7.33
CA PHE F 110 14.49 -15.91 8.01
C PHE F 110 14.43 -17.34 8.54
N THR F 111 13.94 -17.48 9.75
CA THR F 111 13.81 -18.79 10.40
C THR F 111 12.41 -18.83 10.99
N GLY F 112 11.61 -19.82 10.60
CA GLY F 112 10.26 -19.88 11.12
C GLY F 112 9.74 -21.26 11.45
N THR F 113 8.86 -21.32 12.45
CA THR F 113 8.28 -22.58 12.87
C THR F 113 6.75 -22.51 12.73
N VAL F 114 6.16 -23.59 12.24
CA VAL F 114 4.71 -23.66 12.06
C VAL F 114 4.11 -24.73 12.93
N PHE F 115 2.81 -24.59 13.18
CA PHE F 115 2.05 -25.56 13.94
C PHE F 115 1.28 -26.28 12.84
N ARG F 116 1.40 -27.60 12.78
CA ARG F 116 0.71 -28.35 11.75
C ARG F 116 -0.72 -28.69 12.13
N LEU F 117 -1.66 -28.30 11.25
CA LEU F 117 -3.07 -28.56 11.48
C LEU F 117 -3.50 -29.87 10.83
N ASP G 3 14.79 -30.00 40.06
CA ASP G 3 15.39 -29.90 38.69
C ASP G 3 16.92 -29.99 38.82
N PRO G 4 17.51 -31.09 38.35
CA PRO G 4 18.96 -31.32 38.41
C PRO G 4 19.81 -30.14 37.95
N PHE G 5 19.58 -29.68 36.72
CA PHE G 5 20.36 -28.57 36.18
C PHE G 5 20.24 -27.33 37.05
N MET G 6 19.02 -27.00 37.48
CA MET G 6 18.84 -25.82 38.32
C MET G 6 19.66 -25.94 39.60
N GLU G 7 19.58 -27.11 40.23
CA GLU G 7 20.31 -27.35 41.46
C GLU G 7 21.82 -27.24 41.20
N ALA G 8 22.27 -27.84 40.10
CA ALA G 8 23.68 -27.81 39.73
C ALA G 8 24.16 -26.38 39.51
N LEU G 9 23.30 -25.53 38.96
CA LEU G 9 23.65 -24.14 38.70
C LEU G 9 23.45 -23.26 39.93
N GLY G 10 22.95 -23.84 41.01
CA GLY G 10 22.74 -23.07 42.23
C GLY G 10 21.55 -22.14 42.15
N LEU G 11 20.59 -22.45 41.28
CA LEU G 11 19.41 -21.60 41.13
C LEU G 11 18.32 -21.96 42.13
N LYS G 12 17.56 -20.95 42.56
CA LYS G 12 16.48 -21.15 43.53
C LYS G 12 15.15 -20.62 43.03
N VAL G 13 14.08 -21.36 43.32
CA VAL G 13 12.74 -20.94 42.94
C VAL G 13 12.20 -20.07 44.06
N LEU G 14 12.00 -18.79 43.77
CA LEU G 14 11.48 -17.86 44.77
C LEU G 14 9.95 -17.87 44.78
N HIS G 15 9.35 -18.12 43.62
CA HIS G 15 7.90 -18.11 43.51
C HIS G 15 7.41 -19.01 42.37
N LEU G 16 6.29 -19.67 42.61
CA LEU G 16 5.67 -20.54 41.61
C LEU G 16 4.17 -20.44 41.75
N ALA G 17 3.51 -19.97 40.70
CA ALA G 17 2.06 -19.82 40.70
C ALA G 17 1.58 -20.13 39.30
N PRO G 18 0.24 -20.29 39.13
CA PRO G 18 -0.27 -20.59 37.79
C PRO G 18 0.17 -19.56 36.75
N GLY G 19 0.85 -20.04 35.70
CA GLY G 19 1.31 -19.17 34.64
C GLY G 19 2.50 -18.27 34.97
N GLU G 20 3.09 -18.43 36.15
CA GLU G 20 4.22 -17.58 36.52
C GLU G 20 5.26 -18.28 37.38
N ALA G 21 6.48 -17.76 37.33
CA ALA G 21 7.58 -18.31 38.12
C ALA G 21 8.70 -17.28 38.25
N VAL G 22 9.38 -17.30 39.39
CA VAL G 22 10.50 -16.41 39.63
C VAL G 22 11.65 -17.29 40.11
N VAL G 23 12.79 -17.17 39.44
CA VAL G 23 13.96 -17.95 39.79
C VAL G 23 15.12 -16.99 40.04
N ALA G 24 15.92 -17.26 41.06
CA ALA G 24 17.06 -16.39 41.37
C ALA G 24 18.34 -17.19 41.49
N GLY G 25 19.46 -16.50 41.36
CA GLY G 25 20.75 -17.17 41.47
C GLY G 25 21.89 -16.18 41.54
N GLU G 26 23.09 -16.69 41.72
CA GLU G 26 24.28 -15.86 41.79
C GLU G 26 25.27 -16.27 40.71
N VAL G 27 25.90 -15.29 40.08
CA VAL G 27 26.88 -15.57 39.04
C VAL G 27 28.19 -15.88 39.76
N ARG G 28 28.69 -17.10 39.58
CA ARG G 28 29.94 -17.46 40.22
C ARG G 28 31.09 -17.51 39.22
N ALA G 29 32.29 -17.69 39.75
CA ALA G 29 33.49 -17.74 38.93
C ALA G 29 33.45 -18.81 37.85
N ASP G 30 32.77 -19.92 38.13
CA ASP G 30 32.69 -20.99 37.13
C ASP G 30 31.47 -20.90 36.23
N HIS G 31 30.86 -19.72 36.22
CA HIS G 31 29.70 -19.46 35.37
C HIS G 31 30.11 -18.41 34.34
N LEU G 32 31.37 -18.00 34.39
CA LEU G 32 31.88 -16.99 33.46
C LEU G 32 32.29 -17.57 32.11
N ASN G 33 32.28 -16.72 31.10
CA ASN G 33 32.64 -17.10 29.74
C ASN G 33 34.09 -16.69 29.46
N LEU G 34 34.50 -16.85 28.21
CA LEU G 34 35.85 -16.51 27.77
C LEU G 34 36.15 -15.01 27.84
N HIS G 35 35.12 -14.21 28.09
CA HIS G 35 35.28 -12.76 28.17
C HIS G 35 35.31 -12.27 29.61
N GLY G 36 35.16 -13.19 30.56
CA GLY G 36 35.19 -12.83 31.96
C GLY G 36 33.87 -12.28 32.48
N THR G 37 32.78 -12.55 31.75
CA THR G 37 31.45 -12.10 32.16
C THR G 37 30.51 -13.31 32.25
N ALA G 38 29.32 -13.11 32.80
CA ALA G 38 28.37 -14.21 32.93
C ALA G 38 28.16 -14.85 31.55
N HIS G 39 28.31 -16.16 31.49
CA HIS G 39 28.14 -16.88 30.23
C HIS G 39 26.70 -16.76 29.72
N GLY G 40 26.54 -16.48 28.43
CA GLY G 40 25.21 -16.35 27.86
C GLY G 40 24.35 -17.57 28.11
N GLY G 41 24.98 -18.72 28.28
CA GLY G 41 24.25 -19.94 28.53
C GLY G 41 23.78 -20.02 29.98
N PHE G 42 24.47 -19.32 30.87
CA PHE G 42 24.07 -19.34 32.28
C PHE G 42 22.81 -18.47 32.42
N LEU G 43 22.87 -17.27 31.86
CA LEU G 43 21.73 -16.36 31.92
C LEU G 43 20.51 -16.98 31.23
N TYR G 44 20.76 -17.67 30.12
CA TYR G 44 19.67 -18.31 29.39
C TYR G 44 19.07 -19.44 30.23
N ALA G 45 19.95 -20.24 30.83
CA ALA G 45 19.51 -21.37 31.66
C ALA G 45 18.57 -20.85 32.74
N LEU G 46 18.95 -19.71 33.33
CA LEU G 46 18.14 -19.09 34.38
C LEU G 46 16.76 -18.71 33.88
N ALA G 47 16.69 -17.98 32.78
CA ALA G 47 15.43 -17.55 32.20
C ALA G 47 14.61 -18.75 31.71
N ASP G 48 15.30 -19.68 31.06
CA ASP G 48 14.65 -20.88 30.53
C ASP G 48 14.02 -21.67 31.67
N SER G 49 14.70 -21.70 32.80
CA SER G 49 14.21 -22.41 33.98
C SER G 49 12.87 -21.88 34.44
N ALA G 50 12.78 -20.56 34.61
CA ALA G 50 11.53 -19.93 35.04
C ALA G 50 10.45 -20.16 33.97
N PHE G 51 10.87 -20.10 32.72
CA PHE G 51 9.99 -20.31 31.57
C PHE G 51 9.39 -21.72 31.65
N ALA G 52 10.24 -22.71 31.87
CA ALA G 52 9.79 -24.10 31.96
C ALA G 52 8.87 -24.32 33.16
N LEU G 53 9.24 -23.76 34.31
CA LEU G 53 8.42 -23.91 35.51
C LEU G 53 7.05 -23.28 35.32
N ALA G 54 7.03 -22.07 34.77
CA ALA G 54 5.77 -21.36 34.55
C ALA G 54 4.85 -22.12 33.60
N SER G 55 5.37 -22.49 32.43
CA SER G 55 4.58 -23.21 31.43
C SER G 55 4.04 -24.54 31.96
N ASN G 56 4.83 -25.24 32.76
CA ASN G 56 4.39 -26.52 33.29
C ASN G 56 3.31 -26.44 34.36
N THR G 57 3.00 -25.23 34.81
CA THR G 57 1.94 -25.07 35.81
C THR G 57 0.61 -25.27 35.08
N ARG G 58 0.64 -25.16 33.76
CA ARG G 58 -0.55 -25.33 32.94
C ARG G 58 -0.69 -26.78 32.48
N GLY G 59 0.28 -27.62 32.82
CA GLY G 59 0.26 -29.01 32.43
C GLY G 59 1.53 -29.34 31.65
N PRO G 60 1.78 -30.62 31.32
CA PRO G 60 3.01 -30.96 30.57
C PRO G 60 3.17 -30.10 29.32
N ALA G 61 4.32 -29.46 29.21
CA ALA G 61 4.62 -28.59 28.06
C ALA G 61 6.08 -28.69 27.65
N VAL G 62 6.32 -28.71 26.35
CA VAL G 62 7.67 -28.80 25.81
C VAL G 62 8.02 -27.53 25.03
N ALA G 63 9.28 -27.10 25.15
CA ALA G 63 9.74 -25.90 24.46
C ALA G 63 9.83 -26.08 22.95
N LEU G 64 9.44 -25.04 22.22
CA LEU G 64 9.50 -25.06 20.77
C LEU G 64 10.56 -24.07 20.30
N SER G 65 10.32 -22.78 20.59
CA SER G 65 11.25 -21.74 20.18
C SER G 65 11.45 -20.69 21.27
N CYS G 66 12.69 -20.29 21.49
CA CYS G 66 13.02 -19.28 22.47
C CYS G 66 14.00 -18.26 21.90
N ARG G 67 13.94 -17.04 22.42
CA ARG G 67 14.82 -15.98 21.97
C ARG G 67 15.37 -15.29 23.20
N MET G 68 16.65 -14.93 23.14
CA MET G 68 17.30 -14.25 24.25
C MET G 68 18.04 -13.03 23.72
N ASP G 69 17.74 -11.88 24.31
CA ASP G 69 18.41 -10.65 23.93
C ASP G 69 19.24 -10.19 25.13
N TYR G 70 20.53 -10.01 24.92
CA TYR G 70 21.44 -9.59 25.98
C TYR G 70 21.66 -8.08 25.97
N PHE G 71 21.55 -7.44 27.12
CA PHE G 71 21.72 -5.98 27.23
C PHE G 71 22.88 -5.54 28.11
N ARG G 72 23.09 -6.23 29.22
CA ARG G 72 24.14 -5.87 30.16
C ARG G 72 24.95 -7.06 30.65
N PRO G 73 26.29 -6.94 30.65
CA PRO G 73 27.16 -8.02 31.10
C PRO G 73 27.23 -8.04 32.62
N LEU G 74 27.43 -9.22 33.20
CA LEU G 74 27.54 -9.34 34.65
C LEU G 74 28.85 -10.01 35.04
N GLY G 75 29.45 -9.54 36.13
CA GLY G 75 30.70 -10.14 36.59
C GLY G 75 30.43 -11.13 37.70
N ALA G 76 31.48 -11.79 38.19
CA ALA G 76 31.33 -12.75 39.26
C ALA G 76 30.76 -12.06 40.50
N GLY G 77 29.85 -12.73 41.20
CA GLY G 77 29.26 -12.16 42.39
C GLY G 77 27.92 -11.49 42.17
N ALA G 78 27.56 -11.25 40.91
CA ALA G 78 26.29 -10.60 40.59
C ALA G 78 25.07 -11.44 40.94
N ARG G 79 24.10 -10.82 41.61
CA ARG G 79 22.86 -11.51 41.95
C ARG G 79 21.90 -11.29 40.79
N VAL G 80 21.32 -12.36 40.29
CA VAL G 80 20.41 -12.25 39.15
C VAL G 80 19.08 -12.95 39.43
N GLU G 81 18.02 -12.41 38.86
CA GLU G 81 16.68 -12.96 39.04
C GLU G 81 15.91 -12.92 37.72
N ALA G 82 15.04 -13.91 37.50
CA ALA G 82 14.25 -13.99 36.29
C ALA G 82 12.79 -14.24 36.61
N ARG G 83 11.91 -13.44 36.00
CA ARG G 83 10.48 -13.60 36.21
C ARG G 83 9.79 -13.93 34.90
N ALA G 84 9.11 -15.07 34.87
CA ALA G 84 8.40 -15.48 33.68
C ALA G 84 6.93 -15.13 33.83
N VAL G 85 6.36 -14.51 32.80
CA VAL G 85 4.96 -14.13 32.81
C VAL G 85 4.33 -14.59 31.50
N GLU G 86 3.11 -15.11 31.61
CA GLU G 86 2.37 -15.62 30.47
C GLU G 86 1.80 -14.45 29.65
N VAL G 87 2.11 -14.42 28.35
CA VAL G 87 1.60 -13.36 27.48
C VAL G 87 0.52 -13.90 26.55
N ASN G 88 0.49 -15.22 26.37
CA ASN G 88 -0.52 -15.86 25.54
C ASN G 88 -0.65 -17.32 25.96
N LEU G 89 -1.89 -17.78 26.03
CA LEU G 89 -2.18 -19.16 26.39
C LEU G 89 -3.29 -19.67 25.50
N SER G 90 -3.00 -20.71 24.72
CA SER G 90 -4.01 -21.30 23.85
C SER G 90 -4.11 -22.76 24.25
N ARG G 91 -4.93 -23.52 23.54
CA ARG G 91 -5.10 -24.93 23.87
C ARG G 91 -3.84 -25.75 23.64
N ARG G 92 -3.14 -25.48 22.54
CA ARG G 92 -1.92 -26.22 22.19
C ARG G 92 -0.61 -25.46 22.35
N THR G 93 -0.67 -24.15 22.57
CA THR G 93 0.55 -23.35 22.70
C THR G 93 0.45 -22.29 23.77
N ALA G 94 1.61 -21.81 24.22
CA ALA G 94 1.68 -20.77 25.24
C ALA G 94 3.01 -20.05 25.07
N THR G 95 3.00 -18.75 25.25
CA THR G 95 4.21 -17.95 25.09
C THR G 95 4.44 -17.14 26.36
N TYR G 96 5.70 -17.05 26.77
CA TYR G 96 6.06 -16.34 27.99
C TYR G 96 7.19 -15.33 27.79
N ARG G 97 7.13 -14.25 28.55
CA ARG G 97 8.16 -13.23 28.53
C ARG G 97 8.89 -13.41 29.86
N VAL G 98 10.21 -13.46 29.80
CA VAL G 98 11.01 -13.62 31.00
C VAL G 98 12.02 -12.49 31.08
N GLU G 99 11.90 -11.65 32.10
CA GLU G 99 12.82 -10.55 32.27
C GLU G 99 13.93 -10.99 33.20
N VAL G 100 15.18 -10.83 32.76
CA VAL G 100 16.33 -11.19 33.58
C VAL G 100 16.82 -9.87 34.14
N VAL G 101 16.86 -9.76 35.47
CA VAL G 101 17.28 -8.51 36.10
C VAL G 101 18.33 -8.66 37.19
N SER G 102 19.08 -7.57 37.39
CA SER G 102 20.11 -7.49 38.40
C SER G 102 20.16 -6.05 38.88
N GLU G 103 20.07 -5.86 40.19
CA GLU G 103 20.09 -4.53 40.79
C GLU G 103 19.08 -3.59 40.13
N GLY G 104 17.86 -4.08 39.95
CA GLY G 104 16.82 -3.26 39.35
C GLY G 104 16.94 -2.97 37.86
N LYS G 105 18.00 -3.46 37.22
CA LYS G 105 18.16 -3.21 35.79
C LYS G 105 17.90 -4.44 34.94
N LEU G 106 17.43 -4.23 33.72
CA LEU G 106 17.14 -5.32 32.80
C LEU G 106 18.44 -5.78 32.17
N VAL G 107 18.89 -6.99 32.55
CA VAL G 107 20.12 -7.56 32.03
C VAL G 107 19.90 -8.25 30.69
N ALA G 108 18.72 -8.85 30.54
CA ALA G 108 18.38 -9.56 29.32
C ALA G 108 16.88 -9.80 29.23
N LEU G 109 16.40 -10.04 28.01
CA LEU G 109 14.98 -10.30 27.78
C LEU G 109 14.84 -11.63 27.06
N PHE G 110 13.97 -12.49 27.59
CA PHE G 110 13.74 -13.82 27.04
C PHE G 110 12.29 -13.98 26.62
N THR G 111 12.10 -14.61 25.46
CA THR G 111 10.77 -14.87 24.92
C THR G 111 10.77 -16.35 24.53
N GLY G 112 9.78 -17.08 24.98
CA GLY G 112 9.72 -18.50 24.66
C GLY G 112 8.31 -18.99 24.42
N THR G 113 8.19 -19.99 23.54
CA THR G 113 6.90 -20.58 23.23
C THR G 113 6.98 -22.09 23.41
N VAL G 114 5.97 -22.66 24.06
CA VAL G 114 5.93 -24.09 24.28
C VAL G 114 4.78 -24.73 23.53
N PHE G 115 4.86 -26.05 23.41
CA PHE G 115 3.80 -26.81 22.78
C PHE G 115 3.15 -27.56 23.95
N ARG G 116 1.86 -27.36 24.15
CA ARG G 116 1.15 -28.01 25.25
C ARG G 116 0.75 -29.42 24.87
N LEU G 117 1.26 -30.39 25.63
CA LEU G 117 1.00 -31.80 25.37
C LEU G 117 -0.31 -32.30 26.00
N MET H 1 7.81 12.75 7.91
CA MET H 1 8.45 11.84 6.91
C MET H 1 7.43 11.24 5.93
N ARG H 2 7.90 10.31 5.11
CA ARG H 2 7.04 9.65 4.11
C ARG H 2 7.54 8.23 3.87
N ASP H 3 6.76 7.24 4.31
CA ASP H 3 7.15 5.84 4.10
C ASP H 3 6.26 5.20 3.04
N PRO H 4 6.81 4.98 1.84
CA PRO H 4 6.09 4.38 0.72
C PRO H 4 5.34 3.08 1.05
N PHE H 5 6.03 2.13 1.66
CA PHE H 5 5.39 0.86 2.00
C PHE H 5 4.23 1.03 2.97
N MET H 6 4.41 1.88 3.98
CA MET H 6 3.33 2.12 4.94
C MET H 6 2.12 2.72 4.20
N GLU H 7 2.41 3.65 3.31
CA GLU H 7 1.37 4.29 2.52
C GLU H 7 0.63 3.29 1.66
N ALA H 8 1.37 2.36 1.05
CA ALA H 8 0.76 1.36 0.19
C ALA H 8 -0.12 0.42 0.98
N LEU H 9 0.28 0.11 2.22
CA LEU H 9 -0.48 -0.79 3.07
C LEU H 9 -1.61 -0.08 3.81
N GLY H 10 -1.68 1.24 3.68
CA GLY H 10 -2.73 2.00 4.35
C GLY H 10 -2.49 2.16 5.84
N LEU H 11 -1.22 2.09 6.26
CA LEU H 11 -0.87 2.23 7.68
C LEU H 11 -0.70 3.69 8.01
N LYS H 12 -1.03 4.06 9.25
CA LYS H 12 -0.90 5.45 9.67
C LYS H 12 -0.26 5.62 11.04
N VAL H 13 0.65 6.59 11.13
CA VAL H 13 1.35 6.89 12.37
C VAL H 13 0.42 7.70 13.26
N LEU H 14 -0.03 7.11 14.36
CA LEU H 14 -0.92 7.82 15.26
C LEU H 14 -0.18 8.68 16.28
N HIS H 15 0.92 8.14 16.79
CA HIS H 15 1.70 8.84 17.80
C HIS H 15 3.18 8.55 17.64
N LEU H 16 3.98 9.52 18.05
CA LEU H 16 5.42 9.41 17.95
C LEU H 16 6.03 10.15 19.13
N ALA H 17 6.94 9.49 19.82
CA ALA H 17 7.60 10.08 20.98
C ALA H 17 8.97 9.42 21.14
N PRO H 18 9.83 9.98 22.02
CA PRO H 18 11.16 9.40 22.23
C PRO H 18 11.10 7.92 22.62
N GLY H 19 11.67 7.07 21.77
CA GLY H 19 11.68 5.65 22.05
C GLY H 19 10.33 4.94 21.97
N GLU H 20 9.34 5.57 21.33
CA GLU H 20 8.03 4.94 21.22
C GLU H 20 7.23 5.39 20.01
N ALA H 21 6.33 4.53 19.56
CA ALA H 21 5.50 4.83 18.40
C ALA H 21 4.27 3.94 18.35
N VAL H 22 3.19 4.50 17.82
CA VAL H 22 1.94 3.76 17.68
C VAL H 22 1.52 3.90 16.23
N VAL H 23 1.36 2.76 15.57
CA VAL H 23 0.97 2.72 14.17
C VAL H 23 -0.33 1.93 14.08
N ALA H 24 -1.26 2.41 13.25
CA ALA H 24 -2.53 1.72 13.11
C ALA H 24 -2.83 1.44 11.65
N GLY H 25 -3.69 0.47 11.43
CA GLY H 25 -4.10 0.12 10.09
C GLY H 25 -5.31 -0.79 10.16
N GLU H 26 -5.74 -1.27 9.01
CA GLU H 26 -6.89 -2.16 8.95
C GLU H 26 -6.56 -3.28 7.98
N VAL H 27 -6.91 -4.50 8.33
CA VAL H 27 -6.67 -5.64 7.46
C VAL H 27 -7.71 -5.63 6.37
N ARG H 28 -7.27 -5.49 5.13
CA ARG H 28 -8.17 -5.47 3.99
C ARG H 28 -8.10 -6.79 3.23
N ALA H 29 -9.03 -6.98 2.29
CA ALA H 29 -9.09 -8.22 1.53
C ALA H 29 -7.78 -8.53 0.81
N ASP H 30 -7.03 -7.50 0.41
CA ASP H 30 -5.77 -7.75 -0.28
C ASP H 30 -4.57 -7.94 0.66
N HIS H 31 -4.84 -8.09 1.95
CA HIS H 31 -3.80 -8.30 2.95
C HIS H 31 -3.89 -9.73 3.49
N LEU H 32 -4.80 -10.52 2.92
CA LEU H 32 -5.03 -11.89 3.36
C LEU H 32 -4.08 -12.89 2.71
N ASN H 33 -3.94 -14.05 3.34
CA ASN H 33 -3.07 -15.11 2.84
C ASN H 33 -3.89 -16.26 2.27
N LEU H 34 -3.20 -17.34 1.89
CA LEU H 34 -3.84 -18.51 1.32
C LEU H 34 -4.81 -19.20 2.28
N HIS H 35 -4.74 -18.84 3.56
CA HIS H 35 -5.64 -19.43 4.55
C HIS H 35 -6.90 -18.58 4.75
N GLY H 36 -6.91 -17.40 4.14
CA GLY H 36 -8.06 -16.51 4.30
C GLY H 36 -7.96 -15.63 5.53
N THR H 37 -6.77 -15.53 6.12
CA THR H 37 -6.57 -14.68 7.29
C THR H 37 -5.46 -13.67 7.02
N ALA H 38 -5.32 -12.68 7.90
CA ALA H 38 -4.30 -11.65 7.76
C ALA H 38 -2.93 -12.29 7.52
N HIS H 39 -2.30 -11.91 6.42
CA HIS H 39 -0.99 -12.46 6.07
C HIS H 39 0.04 -12.15 7.15
N GLY H 40 0.88 -13.12 7.47
CA GLY H 40 1.91 -12.91 8.49
C GLY H 40 2.77 -11.70 8.17
N GLY H 41 3.02 -11.48 6.88
CA GLY H 41 3.84 -10.36 6.46
C GLY H 41 3.20 -9.00 6.69
N PHE H 42 1.87 -8.93 6.60
CA PHE H 42 1.16 -7.67 6.81
C PHE H 42 1.21 -7.29 8.30
N LEU H 43 0.98 -8.26 9.17
CA LEU H 43 1.03 -8.01 10.61
C LEU H 43 2.46 -7.62 11.01
N TYR H 44 3.44 -8.29 10.43
CA TYR H 44 4.84 -7.99 10.72
C TYR H 44 5.19 -6.59 10.20
N ALA H 45 4.81 -6.28 8.97
CA ALA H 45 5.10 -4.97 8.40
C ALA H 45 4.58 -3.87 9.31
N LEU H 46 3.40 -4.08 9.88
CA LEU H 46 2.80 -3.11 10.80
C LEU H 46 3.66 -2.93 12.05
N ALA H 47 4.03 -4.05 12.66
CA ALA H 47 4.85 -4.03 13.87
C ALA H 47 6.23 -3.43 13.58
N ASP H 48 6.80 -3.84 12.45
CA ASP H 48 8.12 -3.39 12.03
C ASP H 48 8.14 -1.88 11.80
N SER H 49 7.05 -1.33 11.29
CA SER H 49 6.96 0.10 11.04
C SER H 49 7.00 0.89 12.35
N ALA H 50 6.27 0.42 13.35
CA ALA H 50 6.26 1.08 14.66
C ALA H 50 7.67 0.97 15.24
N PHE H 51 8.23 -0.22 15.11
CA PHE H 51 9.57 -0.53 15.59
C PHE H 51 10.61 0.40 14.97
N ALA H 52 10.51 0.60 13.66
CA ALA H 52 11.43 1.46 12.94
C ALA H 52 11.26 2.93 13.33
N LEU H 53 10.01 3.39 13.41
CA LEU H 53 9.73 4.78 13.78
C LEU H 53 10.20 5.09 15.19
N ALA H 54 9.93 4.18 16.12
CA ALA H 54 10.33 4.37 17.50
C ALA H 54 11.84 4.40 17.66
N SER H 55 12.55 3.50 16.97
CA SER H 55 14.01 3.46 17.09
C SER H 55 14.68 4.68 16.47
N ASN H 56 14.13 5.18 15.37
CA ASN H 56 14.70 6.33 14.70
C ASN H 56 14.44 7.64 15.45
N THR H 57 13.65 7.60 16.52
CA THR H 57 13.43 8.82 17.30
C THR H 57 14.69 9.05 18.14
N ARG H 58 15.57 8.05 18.14
CA ARG H 58 16.81 8.08 18.90
C ARG H 58 18.00 8.41 18.01
N GLY H 59 17.75 8.49 16.71
CA GLY H 59 18.79 8.77 15.76
C GLY H 59 18.77 7.68 14.70
N PRO H 60 19.51 7.84 13.60
CA PRO H 60 19.50 6.82 12.55
C PRO H 60 19.86 5.44 13.10
N ALA H 61 19.08 4.44 12.70
CA ALA H 61 19.30 3.07 13.15
C ALA H 61 18.84 2.08 12.11
N VAL H 62 19.54 0.95 12.04
CA VAL H 62 19.19 -0.10 11.10
C VAL H 62 18.81 -1.37 11.86
N ALA H 63 17.80 -2.08 11.37
CA ALA H 63 17.34 -3.30 12.02
C ALA H 63 18.33 -4.45 11.86
N LEU H 64 18.51 -5.21 12.94
CA LEU H 64 19.41 -6.35 12.93
C LEU H 64 18.61 -7.65 13.02
N SER H 65 17.99 -7.86 14.18
CA SER H 65 17.20 -9.07 14.40
C SER H 65 15.83 -8.74 14.97
N CYS H 66 14.82 -9.41 14.44
CA CYS H 66 13.43 -9.23 14.87
C CYS H 66 12.76 -10.59 14.98
N ARG H 67 11.85 -10.70 15.95
CA ARG H 67 11.09 -11.92 16.16
C ARG H 67 9.61 -11.58 16.20
N MET H 68 8.81 -12.44 15.59
CA MET H 68 7.37 -12.24 15.55
C MET H 68 6.65 -13.49 16.03
N ASP H 69 5.87 -13.36 17.10
CA ASP H 69 5.10 -14.47 17.63
C ASP H 69 3.61 -14.26 17.36
N TYR H 70 2.99 -15.20 16.66
CA TYR H 70 1.58 -15.11 16.30
C TYR H 70 0.67 -15.86 17.25
N PHE H 71 -0.35 -15.18 17.77
CA PHE H 71 -1.28 -15.80 18.70
C PHE H 71 -2.71 -15.95 18.18
N ARG H 72 -3.19 -14.93 17.47
CA ARG H 72 -4.56 -14.97 16.94
C ARG H 72 -4.65 -14.51 15.49
N PRO H 73 -5.46 -15.18 14.68
CA PRO H 73 -5.63 -14.83 13.27
C PRO H 73 -6.65 -13.68 13.15
N LEU H 74 -6.63 -12.97 12.04
CA LEU H 74 -7.57 -11.87 11.83
C LEU H 74 -8.15 -11.94 10.43
N GLY H 75 -9.37 -11.41 10.28
CA GLY H 75 -10.00 -11.40 8.97
C GLY H 75 -10.07 -9.99 8.44
N ALA H 76 -10.49 -9.84 7.20
CA ALA H 76 -10.61 -8.52 6.58
C ALA H 76 -11.56 -7.66 7.43
N GLY H 77 -11.23 -6.40 7.59
CA GLY H 77 -12.07 -5.52 8.39
C GLY H 77 -11.52 -5.32 9.79
N ALA H 78 -10.60 -6.17 10.20
CA ALA H 78 -10.02 -6.06 11.53
C ALA H 78 -9.15 -4.82 11.66
N ARG H 79 -9.45 -4.01 12.66
CA ARG H 79 -8.66 -2.80 12.92
C ARG H 79 -7.54 -3.23 13.85
N VAL H 80 -6.32 -2.85 13.52
CA VAL H 80 -5.17 -3.22 14.32
C VAL H 80 -4.25 -2.06 14.67
N GLU H 81 -3.60 -2.19 15.82
CA GLU H 81 -2.64 -1.21 16.31
C GLU H 81 -1.37 -1.91 16.76
N ALA H 82 -0.24 -1.24 16.55
CA ALA H 82 1.05 -1.77 16.95
C ALA H 82 1.69 -0.69 17.82
N ARG H 83 1.99 -1.04 19.07
CA ARG H 83 2.61 -0.08 19.97
C ARG H 83 4.04 -0.49 20.33
N ALA H 84 5.00 0.28 19.85
CA ALA H 84 6.40 -0.01 20.11
C ALA H 84 6.86 0.67 21.40
N VAL H 85 7.49 -0.11 22.28
CA VAL H 85 8.02 0.42 23.54
C VAL H 85 9.50 0.02 23.66
N GLU H 86 10.31 0.98 24.08
CA GLU H 86 11.74 0.76 24.24
C GLU H 86 12.05 -0.02 25.52
N VAL H 87 12.74 -1.14 25.37
CA VAL H 87 13.07 -1.96 26.54
C VAL H 87 14.56 -1.86 26.91
N ASN H 88 15.38 -1.46 25.94
CA ASN H 88 16.80 -1.27 26.18
C ASN H 88 17.38 -0.29 25.18
N LEU H 89 18.19 0.63 25.69
CA LEU H 89 18.82 1.64 24.86
C LEU H 89 20.30 1.74 25.24
N SER H 90 21.17 1.41 24.30
CA SER H 90 22.60 1.48 24.55
C SER H 90 23.17 2.46 23.54
N ARG H 91 24.48 2.66 23.59
CA ARG H 91 25.13 3.60 22.67
C ARG H 91 25.07 3.14 21.21
N ARG H 92 25.27 1.84 20.98
CA ARG H 92 25.25 1.33 19.61
C ARG H 92 24.10 0.37 19.28
N THR H 93 23.27 0.05 20.26
CA THR H 93 22.13 -0.84 20.00
C THR H 93 20.91 -0.44 20.81
N ALA H 94 19.75 -0.97 20.41
CA ALA H 94 18.50 -0.68 21.10
C ALA H 94 17.51 -1.80 20.78
N THR H 95 16.67 -2.15 21.76
CA THR H 95 15.69 -3.21 21.59
C THR H 95 14.29 -2.71 21.94
N TYR H 96 13.30 -3.13 21.16
CA TYR H 96 11.93 -2.71 21.39
C TYR H 96 10.93 -3.86 21.37
N ARG H 97 9.88 -3.72 22.18
CA ARG H 97 8.80 -4.69 22.23
C ARG H 97 7.65 -4.03 21.48
N VAL H 98 7.03 -4.76 20.56
CA VAL H 98 5.90 -4.22 19.82
C VAL H 98 4.69 -5.14 19.93
N GLU H 99 3.64 -4.64 20.54
CA GLU H 99 2.42 -5.41 20.69
C GLU H 99 1.44 -5.08 19.57
N VAL H 100 0.93 -6.11 18.92
CA VAL H 100 -0.04 -5.97 17.85
C VAL H 100 -1.37 -6.30 18.50
N VAL H 101 -2.25 -5.31 18.57
CA VAL H 101 -3.53 -5.47 19.24
C VAL H 101 -4.72 -5.19 18.32
N SER H 102 -5.79 -5.96 18.55
CA SER H 102 -7.04 -5.74 17.84
C SER H 102 -8.22 -6.14 18.72
N GLU H 103 -9.15 -5.20 18.91
CA GLU H 103 -10.31 -5.51 19.75
C GLU H 103 -9.88 -5.80 21.20
N GLY H 104 -8.75 -5.19 21.59
CA GLY H 104 -8.27 -5.35 22.96
C GLY H 104 -7.48 -6.65 23.15
N LYS H 105 -7.39 -7.44 22.07
CA LYS H 105 -6.70 -8.73 22.17
C LYS H 105 -5.29 -8.68 21.57
N LEU H 106 -4.35 -9.31 22.25
CA LEU H 106 -2.97 -9.39 21.78
C LEU H 106 -2.90 -10.40 20.65
N VAL H 107 -2.87 -9.89 19.43
CA VAL H 107 -2.81 -10.72 18.22
C VAL H 107 -1.43 -11.32 17.98
N ALA H 108 -0.39 -10.52 18.20
CA ALA H 108 0.98 -10.98 18.00
C ALA H 108 1.96 -10.16 18.82
N LEU H 109 3.12 -10.74 19.11
CA LEU H 109 4.16 -10.08 19.88
C LEU H 109 5.42 -10.02 19.02
N PHE H 110 5.96 -8.81 18.87
CA PHE H 110 7.14 -8.56 18.07
C PHE H 110 8.25 -8.04 18.98
N THR H 111 9.47 -8.51 18.75
CA THR H 111 10.64 -8.07 19.50
C THR H 111 11.70 -7.74 18.46
N GLY H 112 12.33 -6.58 18.59
CA GLY H 112 13.34 -6.20 17.61
C GLY H 112 14.51 -5.41 18.17
N THR H 113 15.68 -5.60 17.58
CA THR H 113 16.89 -4.92 17.99
C THR H 113 17.53 -4.21 16.79
N VAL H 114 17.94 -2.96 16.98
CA VAL H 114 18.59 -2.20 15.92
C VAL H 114 20.03 -1.88 16.25
N PHE H 115 20.77 -1.44 15.23
CA PHE H 115 22.14 -1.02 15.40
C PHE H 115 22.04 0.49 15.20
N ARG H 116 22.48 1.26 16.19
CA ARG H 116 22.41 2.71 16.11
C ARG H 116 23.62 3.28 15.38
N LEU H 117 23.35 3.98 14.27
CA LEU H 117 24.41 4.57 13.47
C LEU H 117 24.83 5.92 14.04
#